data_3PIG
#
_entry.id   3PIG
#
_cell.length_a   87.117
_cell.length_b   87.117
_cell.length_c   223.942
_cell.angle_alpha   90.00
_cell.angle_beta   90.00
_cell.angle_gamma   120.00
#
_symmetry.space_group_name_H-M   'P 31 2 1'
#
loop_
_entity.id
_entity.type
_entity.pdbx_description
1 polymer Beta-fructofuranosidase
2 non-polymer 'CHLORIDE ION'
3 water water
#
_entity_poly.entity_id   1
_entity_poly.type   'polypeptide(L)'
_entity_poly.pdbx_seq_one_letter_code
;MTDFTPETPVLTPIRDHAAELAKAEAGVAEMAAKRNNRWYPKYHIASNGGWINDPNGLCFYKGRWHVFYQLHPYGTQWGP
MHWGHVSSTDMLNWKREPIMFAPSLEQEKDGVFSGSAVIDDNGDLRFYYTGHRWANGHDNTGGDWQVQMTALPDNDELTS
ATKQGMIIDCPTDKVDHHYRDPKVWKTGDTWYMTFGVSSADKRGQMWLFSSKDMVRWEYERVLFQHPDPDVFMLECPDFS
PIKDKDGNEKWVIGFSAMGSKPSGFMNRNVSNAGYMIGTWEPGGEFKPETEFRLWDCGHNYYAPQSFNVDGRQIVYGWMS
PFVQPIPMEDDGWCGQLTLPREITLGDDGDVVTAPVAEMEGLREDTLDHGSVTLDMDGEQIIADDAEAVEIEMTIDLAAS
TAERAGLKIHATEDGAYTYVAYDGQIGRVVVDRQAMANGDRGYRAAPLTDAELASGKLDLRVFVDRGSVEVYVNGGHQVL
SSYSYASEGPRAIKLVAESGSLKVDSLKLHHMKSIGLELEHHHHHH
;
_entity_poly.pdbx_strand_id   A,B
#
loop_
_chem_comp.id
_chem_comp.type
_chem_comp.name
_chem_comp.formula
CL non-polymer 'CHLORIDE ION' 'Cl -1'
#
# COMPACT_ATOMS: atom_id res chain seq x y z
N MET A 1 32.54 -46.50 8.30
CA MET A 1 33.36 -47.00 7.16
C MET A 1 33.35 -46.03 5.96
N THR A 2 32.79 -44.83 6.14
CA THR A 2 32.62 -43.85 5.04
C THR A 2 31.46 -44.26 4.14
N ASP A 3 30.74 -45.32 4.51
CA ASP A 3 29.45 -45.46 3.91
C ASP A 3 28.67 -44.32 4.56
N PHE A 4 28.37 -43.35 3.71
CA PHE A 4 27.34 -42.36 3.85
C PHE A 4 26.14 -42.76 4.75
N THR A 5 25.79 -44.04 4.76
CA THR A 5 24.75 -44.59 5.61
C THR A 5 25.34 -45.76 6.46
N PRO A 6 25.97 -45.41 7.58
CA PRO A 6 26.57 -46.45 8.45
C PRO A 6 25.57 -47.53 8.85
N GLU A 7 26.05 -48.76 8.98
CA GLU A 7 25.17 -49.88 9.29
C GLU A 7 24.71 -49.84 10.74
N THR A 8 25.46 -49.17 11.60
CA THR A 8 25.01 -48.98 13.02
C THR A 8 25.43 -47.57 13.37
N PRO A 9 24.74 -46.90 14.31
CA PRO A 9 25.05 -45.48 14.52
C PRO A 9 26.49 -45.23 14.99
N VAL A 10 26.97 -44.02 14.73
CA VAL A 10 28.33 -43.65 15.10
C VAL A 10 28.22 -42.69 16.27
N LEU A 11 28.58 -43.20 17.45
CA LEU A 11 28.41 -42.49 18.68
C LEU A 11 29.80 -42.01 19.17
N THR A 12 29.95 -40.69 19.32
CA THR A 12 31.27 -40.05 19.56
C THR A 12 31.16 -38.96 20.68
N PRO A 13 31.00 -39.38 21.96
CA PRO A 13 30.92 -38.39 23.05
C PRO A 13 32.17 -37.55 23.24
N ILE A 14 32.01 -36.26 23.43
CA ILE A 14 33.19 -35.41 23.66
C ILE A 14 32.99 -34.44 24.82
N ARG A 15 31.75 -34.29 25.25
CA ARG A 15 31.44 -33.41 26.39
C ARG A 15 30.50 -34.11 27.36
N ASP A 16 30.55 -33.68 28.63
CA ASP A 16 29.61 -34.10 29.66
C ASP A 16 28.24 -33.40 29.38
N HIS A 17 27.28 -34.16 28.87
CA HIS A 17 25.95 -33.59 28.49
C HIS A 17 25.24 -33.02 29.71
N ALA A 18 25.27 -33.71 30.86
CA ALA A 18 24.64 -33.14 32.06
C ALA A 18 25.21 -31.77 32.42
N ALA A 19 26.55 -31.64 32.37
CA ALA A 19 27.18 -30.40 32.76
C ALA A 19 26.87 -29.28 31.73
N GLU A 20 26.90 -29.62 30.43
CA GLU A 20 26.48 -28.69 29.40
C GLU A 20 25.02 -28.23 29.55
N LEU A 21 24.11 -29.16 29.81
CA LEU A 21 22.73 -28.83 30.21
C LEU A 21 22.66 -27.87 31.41
N ALA A 22 23.43 -28.15 32.46
CA ALA A 22 23.41 -27.32 33.66
C ALA A 22 23.87 -25.89 33.35
N LYS A 23 24.87 -25.76 32.48
CA LYS A 23 25.35 -24.43 32.07
C LYS A 23 24.28 -23.71 31.26
N ALA A 24 23.55 -24.45 30.40
CA ALA A 24 22.49 -23.84 29.57
C ALA A 24 21.32 -23.36 30.48
N GLU A 25 20.98 -24.15 31.50
CA GLU A 25 19.94 -23.80 32.45
C GLU A 25 20.29 -22.48 33.14
N ALA A 26 21.55 -22.37 33.58
CA ALA A 26 22.05 -21.14 34.16
C ALA A 26 21.98 -19.95 33.23
N GLY A 27 22.31 -20.14 31.97
CA GLY A 27 22.24 -19.03 31.00
C GLY A 27 20.80 -18.54 30.81
N VAL A 28 19.91 -19.47 30.67
CA VAL A 28 18.49 -19.13 30.50
C VAL A 28 17.93 -18.42 31.74
N ALA A 29 18.28 -18.95 32.90
CA ALA A 29 17.83 -18.36 34.16
C ALA A 29 18.36 -16.92 34.36
N GLU A 30 19.58 -16.61 33.91
CA GLU A 30 20.14 -15.22 34.04
C GLU A 30 19.30 -14.25 33.19
N MET A 31 18.93 -14.69 31.98
CA MET A 31 18.09 -13.87 31.11
C MET A 31 16.66 -13.77 31.61
N ALA A 32 16.05 -14.89 32.01
CA ALA A 32 14.68 -14.87 32.60
C ALA A 32 14.60 -13.91 33.79
N ALA A 33 15.67 -13.85 34.59
CA ALA A 33 15.69 -13.02 35.81
C ALA A 33 15.57 -11.53 35.56
N LYS A 34 16.07 -11.08 34.42
CA LYS A 34 16.05 -9.66 34.08
C LYS A 34 15.02 -9.35 32.94
N ARG A 35 14.23 -10.34 32.54
CA ARG A 35 13.31 -10.18 31.42
C ARG A 35 12.35 -9.00 31.54
N ASN A 36 12.18 -8.26 30.45
CA ASN A 36 11.20 -7.18 30.39
C ASN A 36 9.97 -7.76 29.68
N ASN A 37 8.78 -7.71 30.30
CA ASN A 37 7.60 -8.35 29.67
C ASN A 37 6.78 -7.49 28.66
N ARG A 38 7.25 -6.30 28.34
CA ARG A 38 6.42 -5.38 27.53
C ARG A 38 5.86 -5.98 26.23
N TRP A 39 6.68 -6.80 25.53
CA TRP A 39 6.27 -7.48 24.29
C TRP A 39 6.23 -9.00 24.39
N TYR A 40 6.45 -9.50 25.59
CA TYR A 40 6.56 -10.94 25.83
C TYR A 40 5.15 -11.56 25.70
N PRO A 41 5.01 -12.64 24.91
CA PRO A 41 3.67 -13.20 24.68
C PRO A 41 2.96 -13.71 25.96
N LYS A 42 1.65 -13.44 26.06
CA LYS A 42 0.79 -14.00 27.10
C LYS A 42 0.31 -15.44 26.70
N TYR A 43 0.16 -15.68 25.38
CA TYR A 43 -0.47 -16.98 24.91
C TYR A 43 0.20 -17.61 23.67
N HIS A 44 1.47 -17.29 23.48
CA HIS A 44 2.31 -17.94 22.50
C HIS A 44 3.55 -18.45 23.24
N ILE A 45 4.14 -19.53 22.70
CA ILE A 45 5.38 -20.08 23.24
C ILE A 45 6.62 -19.28 22.89
N ALA A 46 7.35 -18.89 23.93
CA ALA A 46 8.69 -18.33 23.80
C ALA A 46 9.60 -18.97 24.81
N SER A 47 10.91 -18.75 24.72
CA SER A 47 11.78 -19.19 25.82
C SER A 47 11.49 -18.32 27.02
N ASN A 48 11.67 -18.85 28.24
CA ASN A 48 11.64 -17.96 29.42
C ASN A 48 12.82 -17.00 29.43
N GLY A 49 13.91 -17.37 28.73
CA GLY A 49 15.05 -16.44 28.57
C GLY A 49 15.82 -16.86 27.34
N GLY A 50 16.26 -15.89 26.55
CA GLY A 50 17.13 -16.18 25.37
C GLY A 50 16.36 -16.22 24.05
N TRP A 51 17.14 -16.37 23.00
CA TRP A 51 16.67 -16.47 21.62
C TRP A 51 16.12 -17.85 21.33
N ILE A 52 15.00 -17.93 20.62
CA ILE A 52 14.65 -19.22 20.03
C ILE A 52 14.50 -19.09 18.53
N ASN A 53 14.44 -20.25 17.86
CA ASN A 53 14.04 -20.27 16.45
C ASN A 53 13.16 -21.53 16.15
N ASP A 54 13.54 -22.34 15.18
CA ASP A 54 12.64 -23.43 14.65
C ASP A 54 11.92 -24.27 15.72
N PRO A 55 10.58 -24.51 15.56
CA PRO A 55 9.99 -25.53 16.40
C PRO A 55 10.59 -26.92 16.06
N ASN A 56 10.74 -27.75 17.08
CA ASN A 56 11.33 -29.11 16.94
C ASN A 56 10.58 -30.15 17.77
N GLY A 57 10.77 -31.44 17.40
CA GLY A 57 10.32 -32.60 18.16
C GLY A 57 8.84 -32.57 18.48
N LEU A 58 8.08 -31.89 17.62
CA LEU A 58 6.63 -31.73 17.83
C LEU A 58 5.96 -33.10 17.89
N CYS A 59 5.19 -33.33 18.95
CA CYS A 59 4.40 -34.56 19.07
C CYS A 59 3.29 -34.45 20.12
N PHE A 60 2.40 -35.45 20.11
CA PHE A 60 1.58 -35.75 21.26
C PHE A 60 2.01 -37.14 21.71
N TYR A 61 2.36 -37.29 22.99
CA TYR A 61 2.94 -38.58 23.42
C TYR A 61 2.70 -38.85 24.89
N LYS A 62 2.21 -40.05 25.19
CA LYS A 62 1.94 -40.49 26.58
C LYS A 62 1.11 -39.41 27.36
N GLY A 63 0.09 -38.87 26.68
CA GLY A 63 -0.91 -38.03 27.33
C GLY A 63 -0.55 -36.54 27.34
N ARG A 64 0.57 -36.16 26.72
CA ARG A 64 0.93 -34.73 26.61
C ARG A 64 1.29 -34.24 25.22
N TRP A 65 1.00 -32.96 24.97
CA TRP A 65 1.51 -32.22 23.84
C TRP A 65 2.91 -31.79 24.20
N HIS A 66 3.85 -31.93 23.26
CA HIS A 66 5.22 -31.49 23.48
C HIS A 66 5.68 -30.59 22.37
N VAL A 67 6.27 -29.46 22.77
CA VAL A 67 6.90 -28.59 21.82
C VAL A 67 8.38 -28.38 22.27
N PHE A 68 9.32 -28.68 21.38
CA PHE A 68 10.73 -28.37 21.63
C PHE A 68 11.04 -27.23 20.65
N TYR A 69 12.21 -26.60 20.80
CA TYR A 69 12.57 -25.50 19.89
C TYR A 69 14.07 -25.26 19.96
N GLN A 70 14.62 -24.80 18.84
CA GLN A 70 16.01 -24.36 18.76
C GLN A 70 16.15 -23.22 19.75
N LEU A 71 17.22 -23.21 20.54
CA LEU A 71 17.37 -22.28 21.68
C LEU A 71 18.82 -21.85 21.78
N HIS A 72 19.08 -20.55 21.93
CA HIS A 72 20.41 -20.12 22.32
C HIS A 72 20.31 -19.72 23.75
N PRO A 73 20.89 -20.54 24.64
CA PRO A 73 20.69 -20.28 26.06
C PRO A 73 21.55 -19.15 26.69
N TYR A 74 22.39 -18.48 25.89
CA TYR A 74 23.39 -17.50 26.38
C TYR A 74 23.21 -16.05 25.87
N GLY A 75 22.19 -15.83 25.06
CA GLY A 75 21.89 -14.45 24.61
C GLY A 75 20.62 -14.43 23.76
N THR A 76 20.30 -13.24 23.26
CA THR A 76 19.05 -12.98 22.52
C THR A 76 19.24 -12.84 21.02
N GLN A 77 20.41 -13.21 20.55
CA GLN A 77 20.65 -13.47 19.15
C GLN A 77 20.96 -14.95 18.95
N TRP A 78 21.14 -15.35 17.68
CA TRP A 78 21.34 -16.75 17.35
C TRP A 78 22.73 -17.17 17.87
N GLY A 79 22.90 -18.41 18.37
CA GLY A 79 24.25 -18.81 18.85
C GLY A 79 24.17 -20.30 19.09
N PRO A 80 25.16 -20.91 19.78
CA PRO A 80 25.21 -22.37 19.97
C PRO A 80 23.89 -23.07 20.29
N MET A 81 23.50 -23.94 19.38
CA MET A 81 22.11 -24.45 19.36
C MET A 81 21.86 -25.56 20.39
N HIS A 82 20.81 -25.35 21.18
CA HIS A 82 20.28 -26.33 22.13
C HIS A 82 18.80 -26.61 21.78
N TRP A 83 18.20 -27.62 22.38
CA TRP A 83 16.71 -27.72 22.34
C TRP A 83 16.08 -27.37 23.68
N GLY A 84 15.15 -26.42 23.67
CA GLY A 84 14.30 -26.13 24.85
C GLY A 84 13.04 -26.96 24.72
N HIS A 85 12.18 -26.90 25.73
CA HIS A 85 10.99 -27.82 25.85
C HIS A 85 9.93 -27.30 26.82
N VAL A 86 8.68 -27.33 26.32
CA VAL A 86 7.46 -27.05 27.04
C VAL A 86 6.47 -28.20 26.79
N SER A 87 5.62 -28.47 27.76
CA SER A 87 4.64 -29.53 27.57
C SER A 87 3.29 -29.07 28.13
N SER A 88 2.24 -29.78 27.77
CA SER A 88 0.87 -29.44 28.14
C SER A 88 -0.08 -30.67 28.05
N THR A 89 -1.04 -30.78 28.97
CA THR A 89 -2.02 -31.88 28.80
C THR A 89 -3.18 -31.44 27.91
N ASP A 90 -3.25 -30.15 27.57
CA ASP A 90 -4.46 -29.64 26.91
C ASP A 90 -4.31 -28.60 25.78
N MET A 91 -3.08 -28.21 25.56
CA MET A 91 -2.67 -27.13 24.65
C MET A 91 -3.03 -25.75 25.16
N LEU A 92 -3.51 -25.68 26.40
CA LEU A 92 -3.97 -24.39 26.97
C LEU A 92 -3.10 -23.98 28.15
N ASN A 93 -2.65 -24.95 28.94
CA ASN A 93 -1.86 -24.64 30.15
C ASN A 93 -0.53 -25.37 29.93
N TRP A 94 0.55 -24.61 29.85
CA TRP A 94 1.83 -25.17 29.48
C TRP A 94 2.80 -25.05 30.65
N LYS A 95 3.75 -25.99 30.69
CA LYS A 95 4.81 -25.92 31.67
C LYS A 95 6.16 -25.97 31.03
N ARG A 96 7.13 -25.28 31.64
CA ARG A 96 8.49 -25.31 31.13
C ARG A 96 9.16 -26.62 31.61
N GLU A 97 9.94 -27.24 30.71
CA GLU A 97 10.62 -28.49 31.00
C GLU A 97 12.12 -28.22 31.02
N PRO A 98 12.91 -29.18 31.53
CA PRO A 98 14.36 -29.02 31.41
C PRO A 98 14.77 -28.83 29.96
N ILE A 99 15.85 -28.05 29.75
CA ILE A 99 16.47 -28.01 28.42
C ILE A 99 16.80 -29.48 28.06
N MET A 100 16.57 -29.84 26.82
CA MET A 100 16.54 -31.26 26.42
C MET A 100 17.89 -31.70 25.89
N PHE A 101 18.45 -30.90 24.98
CA PHE A 101 19.72 -31.23 24.32
C PHE A 101 20.70 -30.07 24.36
N ALA A 102 21.98 -30.36 24.62
CA ALA A 102 23.08 -29.43 24.49
C ALA A 102 24.08 -30.19 23.62
N PRO A 103 24.95 -29.47 22.89
CA PRO A 103 25.94 -30.22 22.08
C PRO A 103 26.87 -31.07 22.94
N SER A 104 27.00 -32.36 22.61
CA SER A 104 27.88 -33.22 23.43
C SER A 104 28.59 -34.31 22.64
N LEU A 105 28.27 -34.42 21.33
CA LEU A 105 28.90 -35.39 20.46
C LEU A 105 29.69 -34.66 19.40
N GLU A 106 30.71 -35.32 18.86
CA GLU A 106 31.62 -34.63 17.92
C GLU A 106 30.87 -34.04 16.71
N GLN A 107 29.88 -34.75 16.19
CA GLN A 107 29.22 -34.36 14.94
C GLN A 107 28.18 -33.23 15.13
N GLU A 108 27.88 -32.87 16.39
CA GLU A 108 26.96 -31.79 16.69
C GLU A 108 27.67 -30.75 17.55
N LYS A 109 28.99 -30.80 17.61
CA LYS A 109 29.70 -30.00 18.63
C LYS A 109 29.46 -28.50 18.53
N ASP A 110 29.09 -28.01 17.34
CA ASP A 110 28.81 -26.58 17.14
C ASP A 110 27.29 -26.28 17.13
N GLY A 111 26.45 -27.28 17.43
CA GLY A 111 25.00 -27.02 17.60
C GLY A 111 24.15 -28.27 17.41
N VAL A 112 23.11 -28.39 18.25
CA VAL A 112 22.05 -29.41 18.08
C VAL A 112 20.93 -28.72 17.31
N PHE A 113 20.93 -29.01 16.01
CA PHE A 113 20.09 -28.37 15.03
C PHE A 113 18.71 -29.00 15.01
N SER A 114 17.88 -28.59 14.06
CA SER A 114 16.47 -28.90 14.14
C SER A 114 16.24 -30.39 13.93
N GLY A 115 15.08 -30.87 14.37
CA GLY A 115 14.74 -32.27 14.30
C GLY A 115 13.28 -32.45 14.68
N SER A 116 12.85 -33.69 14.68
CA SER A 116 11.46 -34.04 14.83
C SER A 116 11.33 -35.28 15.71
N ALA A 117 10.07 -35.64 15.99
CA ALA A 117 9.78 -36.83 16.75
C ALA A 117 8.74 -37.64 16.06
N VAL A 118 8.86 -38.95 16.14
CA VAL A 118 7.86 -39.84 15.53
C VAL A 118 7.68 -41.05 16.42
N ILE A 119 6.47 -41.59 16.40
CA ILE A 119 6.10 -42.75 17.20
C ILE A 119 6.23 -44.00 16.35
N ASP A 120 6.99 -44.97 16.84
CA ASP A 120 7.25 -46.14 16.05
C ASP A 120 6.13 -47.16 16.14
N ASP A 121 6.32 -48.27 15.43
CA ASP A 121 5.34 -49.34 15.39
C ASP A 121 4.89 -49.84 16.76
N ASN A 122 5.76 -49.79 17.76
CA ASN A 122 5.45 -50.23 19.13
C ASN A 122 4.87 -49.15 20.06
N GLY A 123 4.64 -47.96 19.51
CA GLY A 123 4.19 -46.83 20.32
C GLY A 123 5.30 -46.08 21.08
N ASP A 124 6.54 -46.34 20.71
CA ASP A 124 7.70 -45.67 21.35
C ASP A 124 8.19 -44.49 20.55
N LEU A 125 8.46 -43.35 21.18
CA LEU A 125 8.95 -42.17 20.45
C LEU A 125 10.46 -42.27 20.12
N ARG A 126 10.84 -41.81 18.93
CA ARG A 126 12.20 -41.60 18.52
C ARG A 126 12.41 -40.18 18.03
N PHE A 127 13.56 -39.55 18.38
CA PHE A 127 13.94 -38.25 17.88
C PHE A 127 14.95 -38.40 16.72
N TYR A 128 14.83 -37.52 15.73
CA TYR A 128 15.79 -37.37 14.65
C TYR A 128 16.16 -35.90 14.57
N TYR A 129 17.46 -35.60 14.48
CA TYR A 129 17.88 -34.21 14.43
C TYR A 129 19.22 -34.06 13.67
N THR A 130 19.56 -32.83 13.34
CA THR A 130 20.82 -32.60 12.64
C THR A 130 21.89 -32.19 13.58
N GLY A 131 23.09 -32.79 13.45
CA GLY A 131 24.25 -32.28 14.22
C GLY A 131 25.05 -31.32 13.36
N HIS A 132 25.41 -30.15 13.92
CA HIS A 132 26.08 -29.14 13.17
C HIS A 132 27.52 -28.97 13.67
N ARG A 133 28.41 -28.84 12.70
CA ARG A 133 29.80 -28.48 12.85
C ARG A 133 30.06 -27.34 11.91
N TRP A 134 30.89 -26.40 12.32
CA TRP A 134 31.45 -25.44 11.35
C TRP A 134 32.39 -26.18 10.41
N ALA A 135 32.16 -26.07 9.09
CA ALA A 135 33.03 -26.70 8.09
C ALA A 135 34.52 -26.34 8.23
N ASN A 136 34.84 -25.13 8.70
CA ASN A 136 36.25 -24.73 8.83
C ASN A 136 36.73 -24.95 10.27
N GLY A 137 35.83 -25.44 11.14
CA GLY A 137 36.21 -25.69 12.55
C GLY A 137 36.03 -24.45 13.40
N HIS A 138 35.65 -23.33 12.80
CA HIS A 138 35.59 -22.05 13.54
C HIS A 138 34.28 -21.34 13.63
N ASP A 139 33.79 -20.90 12.49
CA ASP A 139 32.71 -19.93 12.46
C ASP A 139 32.05 -20.15 11.14
N ASN A 140 31.06 -19.31 10.85
CA ASN A 140 30.18 -19.48 9.72
C ASN A 140 30.86 -19.24 8.39
N THR A 141 31.99 -18.55 8.42
CA THR A 141 32.63 -18.07 7.18
C THR A 141 33.03 -19.15 6.16
N GLY A 142 33.30 -20.38 6.61
CA GLY A 142 33.55 -21.50 5.68
C GLY A 142 32.34 -22.43 5.48
N GLY A 143 31.20 -22.02 5.99
CA GLY A 143 29.98 -22.79 5.75
C GLY A 143 29.68 -23.85 6.83
N ASP A 144 28.70 -24.70 6.51
CA ASP A 144 28.13 -25.66 7.45
C ASP A 144 28.68 -27.04 7.09
N TRP A 145 28.68 -27.93 8.10
CA TRP A 145 29.05 -29.32 7.95
C TRP A 145 28.07 -30.10 8.85
N GLN A 146 27.15 -30.82 8.20
CA GLN A 146 25.93 -31.33 8.86
C GLN A 146 25.67 -32.78 8.57
N VAL A 147 25.17 -33.50 9.59
CA VAL A 147 24.84 -34.93 9.44
C VAL A 147 23.56 -35.23 10.23
N GLN A 148 22.96 -36.42 10.07
CA GLN A 148 21.74 -36.72 10.81
C GLN A 148 21.99 -37.69 11.95
N MET A 149 21.32 -37.39 13.06
CA MET A 149 21.49 -38.10 14.35
C MET A 149 20.14 -38.65 14.83
N THR A 150 20.18 -39.52 15.86
CA THR A 150 18.96 -40.02 16.47
C THR A 150 19.18 -40.19 17.99
N ALA A 151 18.08 -40.16 18.74
CA ALA A 151 18.06 -40.28 20.18
C ALA A 151 16.71 -40.84 20.61
N LEU A 152 16.68 -41.39 21.82
CA LEU A 152 15.47 -42.02 22.35
C LEU A 152 15.22 -41.42 23.73
N PRO A 153 13.95 -41.10 24.03
CA PRO A 153 13.66 -40.57 25.37
C PRO A 153 14.00 -41.56 26.46
N ASP A 154 14.41 -41.04 27.62
CA ASP A 154 14.61 -41.91 28.78
C ASP A 154 13.34 -42.18 29.61
N ASN A 155 12.30 -41.38 29.39
CA ASN A 155 11.11 -41.49 30.23
C ASN A 155 9.90 -40.98 29.45
N ASP A 156 8.71 -41.29 29.95
CA ASP A 156 7.47 -40.93 29.22
C ASP A 156 7.24 -39.41 29.21
N GLU A 157 7.87 -38.70 30.15
CA GLU A 157 7.74 -37.23 30.27
C GLU A 157 8.59 -36.48 29.24
N LEU A 158 9.45 -37.24 28.56
CA LEU A 158 10.46 -36.69 27.60
C LEU A 158 11.34 -35.61 28.24
N THR A 159 11.71 -35.78 29.52
CA THR A 159 12.50 -34.75 30.16
C THR A 159 14.02 -34.94 29.92
N SER A 160 14.39 -36.09 29.43
CA SER A 160 15.78 -36.38 29.04
C SER A 160 15.76 -37.51 27.99
N ALA A 161 16.86 -37.65 27.26
CA ALA A 161 17.04 -38.63 26.19
C ALA A 161 18.45 -39.24 26.19
N THR A 162 18.56 -40.44 25.64
CA THR A 162 19.86 -41.06 25.39
C THR A 162 20.12 -40.90 23.87
N LYS A 163 21.24 -40.27 23.57
CA LYS A 163 21.63 -40.06 22.18
C LYS A 163 22.23 -41.33 21.68
N GLN A 164 22.04 -41.59 20.41
CA GLN A 164 22.59 -42.81 19.86
C GLN A 164 23.65 -42.51 18.80
N GLY A 165 23.78 -41.25 18.39
CA GLY A 165 24.83 -40.83 17.45
C GLY A 165 24.35 -40.63 16.01
N MET A 166 25.33 -40.61 15.10
CA MET A 166 25.08 -40.27 13.71
C MET A 166 24.56 -41.50 12.95
N ILE A 167 23.47 -41.32 12.20
CA ILE A 167 22.88 -42.44 11.40
C ILE A 167 23.01 -42.14 9.90
N ILE A 168 23.15 -40.89 9.54
CA ILE A 168 23.35 -40.57 8.08
C ILE A 168 24.45 -39.52 7.96
N ASP A 169 25.58 -39.89 7.37
CA ASP A 169 26.71 -38.99 7.21
C ASP A 169 26.50 -38.15 5.96
N CYS A 170 27.36 -37.17 5.75
CA CYS A 170 27.26 -36.31 4.60
C CYS A 170 28.31 -36.69 3.55
N PRO A 171 27.87 -37.04 2.30
CA PRO A 171 28.86 -37.23 1.23
C PRO A 171 29.28 -35.87 0.67
N THR A 172 30.39 -35.37 1.22
CA THR A 172 30.90 -34.02 1.08
C THR A 172 30.87 -33.54 -0.38
N ASP A 173 31.24 -34.42 -1.30
CA ASP A 173 31.45 -33.95 -2.67
C ASP A 173 30.16 -33.87 -3.44
N LYS A 174 29.09 -34.42 -2.89
CA LYS A 174 27.78 -34.40 -3.55
C LYS A 174 26.89 -33.29 -3.00
N VAL A 175 27.37 -32.58 -1.98
CA VAL A 175 26.54 -31.60 -1.26
C VAL A 175 27.30 -30.28 -1.26
N ASP A 176 26.60 -29.16 -1.44
CA ASP A 176 27.23 -27.88 -1.11
C ASP A 176 26.90 -27.43 0.34
N HIS A 177 27.44 -28.16 1.33
CA HIS A 177 27.38 -27.80 2.80
C HIS A 177 26.03 -28.09 3.47
N HIS A 178 24.99 -27.38 3.04
CA HIS A 178 23.65 -27.55 3.62
C HIS A 178 23.08 -28.98 3.56
N TYR A 179 22.73 -29.53 4.72
CA TYR A 179 22.35 -30.94 4.78
C TYR A 179 21.61 -31.20 6.08
N ARG A 180 20.30 -30.89 6.17
CA ARG A 180 19.75 -30.77 7.50
C ARG A 180 18.22 -30.90 7.56
N ASP A 181 17.72 -31.15 8.78
CA ASP A 181 16.29 -30.95 9.16
C ASP A 181 15.45 -32.16 8.76
N PRO A 182 15.64 -33.29 9.49
CA PRO A 182 14.97 -34.55 9.06
C PRO A 182 13.50 -34.70 9.48
N LYS A 183 12.73 -35.41 8.66
CA LYS A 183 11.37 -35.80 8.99
C LYS A 183 11.26 -37.27 8.67
N VAL A 184 10.73 -38.06 9.59
CA VAL A 184 10.62 -39.54 9.35
C VAL A 184 9.14 -39.95 9.47
N TRP A 185 8.67 -40.81 8.59
CA TRP A 185 7.27 -41.22 8.68
C TRP A 185 7.15 -42.59 8.03
N LYS A 186 6.01 -43.24 8.28
CA LYS A 186 5.72 -44.54 7.66
C LYS A 186 4.59 -44.46 6.64
N THR A 187 4.85 -44.97 5.44
CA THR A 187 3.84 -45.14 4.40
C THR A 187 3.84 -46.62 4.01
N GLY A 188 2.66 -47.22 4.01
CA GLY A 188 2.49 -48.64 3.77
C GLY A 188 3.28 -49.39 4.81
N ASP A 189 4.23 -50.16 4.34
CA ASP A 189 5.01 -50.98 5.23
C ASP A 189 6.46 -50.49 5.41
N THR A 190 6.75 -49.26 5.00
CA THR A 190 8.12 -48.82 4.90
C THR A 190 8.27 -47.50 5.62
N TRP A 191 9.38 -47.32 6.36
CA TRP A 191 9.74 -46.03 6.97
C TRP A 191 10.61 -45.21 6.01
N TYR A 192 10.40 -43.89 5.99
CA TYR A 192 11.04 -42.99 5.05
C TYR A 192 11.52 -41.82 5.89
N MET A 193 12.64 -41.23 5.45
CA MET A 193 13.17 -39.95 5.94
C MET A 193 13.35 -39.02 4.77
N THR A 194 13.08 -37.74 4.99
CA THR A 194 13.52 -36.76 4.06
C THR A 194 14.22 -35.66 4.86
N PHE A 195 15.18 -35.01 4.22
CA PHE A 195 15.74 -33.78 4.75
C PHE A 195 16.20 -32.92 3.57
N GLY A 196 16.56 -31.68 3.87
CA GLY A 196 16.95 -30.70 2.88
C GLY A 196 18.43 -30.72 2.56
N VAL A 197 18.74 -30.43 1.31
CA VAL A 197 20.10 -30.52 0.77
C VAL A 197 20.30 -29.44 -0.26
N SER A 198 21.49 -28.89 -0.31
CA SER A 198 21.94 -28.10 -1.46
C SER A 198 22.84 -29.00 -2.26
N SER A 199 22.48 -29.22 -3.54
CA SER A 199 23.19 -30.19 -4.37
C SER A 199 24.61 -29.67 -4.66
N ALA A 200 25.40 -30.52 -5.27
CA ALA A 200 26.75 -30.08 -5.72
C ALA A 200 26.62 -28.88 -6.68
N ASP A 201 25.48 -28.75 -7.33
CA ASP A 201 25.25 -27.68 -8.28
C ASP A 201 24.42 -26.55 -7.67
N LYS A 202 24.30 -26.59 -6.35
CA LYS A 202 23.69 -25.54 -5.53
C LYS A 202 22.19 -25.42 -5.75
N ARG A 203 21.53 -26.52 -6.04
CA ARG A 203 20.05 -26.53 -6.17
C ARG A 203 19.45 -27.07 -4.88
N GLY A 204 18.34 -26.48 -4.42
CA GLY A 204 17.65 -26.95 -3.21
C GLY A 204 16.93 -28.25 -3.47
N GLN A 205 17.23 -29.28 -2.67
CA GLN A 205 16.61 -30.61 -2.83
C GLN A 205 16.11 -31.16 -1.48
N MET A 206 15.24 -32.15 -1.58
CA MET A 206 14.86 -32.99 -0.46
C MET A 206 15.27 -34.37 -0.91
N TRP A 207 16.04 -35.08 -0.09
CA TRP A 207 16.48 -36.43 -0.40
C TRP A 207 15.57 -37.43 0.25
N LEU A 208 15.47 -38.64 -0.31
CA LEU A 208 14.66 -39.66 0.31
C LEU A 208 15.46 -40.92 0.73
N PHE A 209 15.28 -41.38 1.96
CA PHE A 209 15.87 -42.64 2.42
C PHE A 209 14.77 -43.57 2.94
N SER A 210 15.02 -44.87 2.99
CA SER A 210 14.13 -45.83 3.64
C SER A 210 14.84 -46.66 4.72
N SER A 211 14.06 -47.22 5.65
CA SER A 211 14.59 -48.05 6.73
C SER A 211 13.60 -49.13 7.18
N LYS A 212 14.14 -50.23 7.72
CA LYS A 212 13.35 -51.34 8.27
CA LYS A 212 13.24 -51.24 8.26
C LYS A 212 13.24 -51.22 9.78
N ASP A 213 14.31 -50.72 10.39
CA ASP A 213 14.37 -50.68 11.87
C ASP A 213 14.48 -49.27 12.44
N MET A 214 14.37 -48.27 11.57
CA MET A 214 14.40 -46.81 11.88
C MET A 214 15.77 -46.23 12.24
N VAL A 215 16.79 -47.08 12.21
CA VAL A 215 18.10 -46.71 12.67
C VAL A 215 19.16 -46.81 11.56
N ARG A 216 19.19 -47.96 10.88
CA ARG A 216 19.98 -48.11 9.66
C ARG A 216 19.15 -47.62 8.47
N TRP A 217 19.73 -46.74 7.66
CA TRP A 217 18.99 -46.05 6.56
C TRP A 217 19.60 -46.44 5.23
N GLU A 218 18.77 -46.41 4.19
CA GLU A 218 19.27 -46.56 2.84
C GLU A 218 18.76 -45.45 1.91
N TYR A 219 19.70 -44.88 1.18
CA TYR A 219 19.43 -43.86 0.18
C TYR A 219 18.53 -44.40 -0.91
N GLU A 220 17.46 -43.65 -1.19
CA GLU A 220 16.53 -44.03 -2.23
C GLU A 220 16.68 -43.20 -3.48
N ARG A 221 16.54 -41.88 -3.34
CA ARG A 221 16.47 -40.97 -4.48
C ARG A 221 16.32 -39.52 -4.02
N VAL A 222 16.35 -38.59 -4.96
CA VAL A 222 15.97 -37.22 -4.70
C VAL A 222 14.45 -37.16 -4.82
N LEU A 223 13.82 -36.83 -3.70
CA LEU A 223 12.38 -36.70 -3.59
C LEU A 223 11.85 -35.55 -4.43
N PHE A 224 12.52 -34.40 -4.33
CA PHE A 224 12.07 -33.20 -4.98
C PHE A 224 13.25 -32.25 -5.16
N GLN A 225 13.33 -31.59 -6.31
CA GLN A 225 14.25 -30.46 -6.53
C GLN A 225 13.45 -29.19 -6.84
N HIS A 226 13.76 -28.08 -6.19
CA HIS A 226 13.02 -26.83 -6.41
C HIS A 226 13.28 -26.32 -7.84
N PRO A 227 12.19 -26.00 -8.57
CA PRO A 227 12.30 -25.56 -9.97
C PRO A 227 13.03 -24.22 -10.15
N ASP A 228 13.09 -23.36 -9.14
CA ASP A 228 13.82 -22.07 -9.29
C ASP A 228 15.31 -22.29 -8.94
N PRO A 229 16.23 -22.15 -9.94
CA PRO A 229 17.68 -22.33 -9.65
C PRO A 229 18.25 -21.30 -8.66
N ASP A 230 17.54 -20.20 -8.42
CA ASP A 230 17.95 -19.27 -7.35
C ASP A 230 17.80 -19.87 -5.94
N VAL A 231 16.86 -20.81 -5.79
CA VAL A 231 16.65 -21.53 -4.53
C VAL A 231 17.73 -22.61 -4.39
N PHE A 232 18.58 -22.41 -3.40
CA PHE A 232 19.75 -23.28 -3.26
C PHE A 232 19.62 -24.27 -2.10
N MET A 233 18.59 -24.08 -1.28
CA MET A 233 18.42 -24.91 -0.08
C MET A 233 16.97 -24.91 0.32
N LEU A 234 16.50 -26.10 0.73
CA LEU A 234 15.18 -26.22 1.29
C LEU A 234 15.29 -26.69 2.72
N GLU A 235 15.19 -25.76 3.66
CA GLU A 235 15.27 -26.11 5.07
C GLU A 235 13.94 -26.62 5.59
N CYS A 236 13.95 -27.30 6.74
CA CYS A 236 12.70 -27.68 7.46
C CYS A 236 11.64 -28.32 6.55
N PRO A 237 12.04 -29.34 5.75
CA PRO A 237 11.05 -29.85 4.77
C PRO A 237 9.89 -30.52 5.48
N ASP A 238 8.73 -30.54 4.82
CA ASP A 238 7.59 -31.24 5.36
C ASP A 238 7.00 -32.06 4.21
N PHE A 239 6.32 -33.14 4.56
CA PHE A 239 5.71 -34.01 3.52
C PHE A 239 4.61 -34.79 4.20
N SER A 240 3.33 -34.53 3.88
CA SER A 240 2.33 -35.35 4.51
C SER A 240 1.09 -35.46 3.66
N PRO A 241 0.29 -36.51 3.92
CA PRO A 241 -0.95 -36.66 3.13
C PRO A 241 -2.14 -35.97 3.80
N ILE A 242 -2.98 -35.27 3.01
CA ILE A 242 -4.12 -34.53 3.55
C ILE A 242 -5.36 -34.91 2.69
N LYS A 243 -6.49 -35.15 3.34
CA LYS A 243 -7.76 -35.55 2.67
C LYS A 243 -8.40 -34.33 2.01
N ASP A 244 -8.62 -34.39 0.69
CA ASP A 244 -9.35 -33.33 0.04
C ASP A 244 -10.90 -33.41 0.25
N LYS A 245 -11.62 -32.46 -0.36
CA LYS A 245 -13.05 -32.36 -0.12
C LYS A 245 -13.81 -33.57 -0.64
N ASP A 246 -13.20 -34.32 -1.55
CA ASP A 246 -13.85 -35.48 -2.15
C ASP A 246 -13.45 -36.75 -1.40
N GLY A 247 -12.63 -36.60 -0.38
CA GLY A 247 -12.18 -37.71 0.44
C GLY A 247 -10.93 -38.43 -0.09
N ASN A 248 -10.28 -37.87 -1.12
CA ASN A 248 -9.07 -38.39 -1.71
C ASN A 248 -7.80 -37.81 -1.07
N GLU A 249 -6.78 -38.64 -0.94
CA GLU A 249 -5.56 -38.24 -0.32
C GLU A 249 -4.68 -37.45 -1.29
N LYS A 250 -4.20 -36.27 -0.87
CA LYS A 250 -3.22 -35.47 -1.65
C LYS A 250 -1.95 -35.37 -0.82
N TRP A 251 -0.80 -35.26 -1.46
CA TRP A 251 0.44 -35.07 -0.70
C TRP A 251 0.81 -33.59 -0.71
N VAL A 252 1.11 -33.04 0.47
CA VAL A 252 1.44 -31.60 0.53
C VAL A 252 2.90 -31.59 0.92
N ILE A 253 3.74 -31.05 0.04
CA ILE A 253 5.20 -30.94 0.31
C ILE A 253 5.40 -29.49 0.84
N GLY A 254 6.28 -29.35 1.83
CA GLY A 254 6.50 -28.05 2.48
C GLY A 254 8.00 -27.86 2.58
N PHE A 255 8.45 -26.60 2.56
CA PHE A 255 9.85 -26.34 2.92
C PHE A 255 10.04 -24.85 3.22
N SER A 256 11.19 -24.54 3.81
CA SER A 256 11.60 -23.18 4.10
C SER A 256 12.70 -22.92 3.06
N ALA A 257 12.35 -22.20 1.98
CA ALA A 257 13.22 -22.03 0.80
C ALA A 257 14.20 -20.82 0.98
N MET A 258 15.48 -21.06 0.76
CA MET A 258 16.49 -20.02 0.75
C MET A 258 16.90 -19.73 -0.68
N GLY A 259 16.90 -18.44 -1.04
CA GLY A 259 17.48 -17.98 -2.31
C GLY A 259 16.51 -17.34 -3.30
N SER A 260 15.19 -17.56 -3.12
CA SER A 260 14.19 -16.89 -3.99
C SER A 260 14.35 -15.39 -3.97
N LYS A 261 14.13 -14.75 -5.10
CA LYS A 261 14.14 -13.31 -5.15
C LYS A 261 12.70 -12.85 -4.91
N PRO A 262 12.52 -11.75 -4.15
CA PRO A 262 11.13 -11.22 -4.02
C PRO A 262 10.56 -10.80 -5.35
N SER A 263 9.26 -11.00 -5.51
CA SER A 263 8.60 -10.63 -6.76
C SER A 263 7.21 -10.15 -6.41
N GLY A 264 6.92 -8.87 -6.64
CA GLY A 264 5.56 -8.36 -6.36
C GLY A 264 5.33 -8.53 -4.85
N PHE A 265 4.21 -9.12 -4.47
CA PHE A 265 3.93 -9.41 -3.04
C PHE A 265 4.45 -10.76 -2.58
N MET A 266 5.13 -11.51 -3.46
CA MET A 266 5.54 -12.88 -3.17
C MET A 266 7.00 -12.97 -2.66
N ASN A 267 7.28 -13.87 -1.71
CA ASN A 267 8.67 -14.17 -1.32
C ASN A 267 9.45 -12.91 -0.81
N ARG A 268 8.77 -12.11 0.01
CA ARG A 268 9.30 -10.86 0.46
C ARG A 268 10.29 -11.01 1.63
N ASN A 269 10.26 -12.10 2.40
CA ASN A 269 11.16 -12.18 3.58
C ASN A 269 12.52 -12.72 3.18
N VAL A 270 13.49 -12.68 4.10
CA VAL A 270 14.86 -13.10 3.85
C VAL A 270 14.83 -14.50 3.26
N SER A 271 14.05 -15.38 3.90
CA SER A 271 13.83 -16.75 3.40
C SER A 271 12.34 -16.94 3.55
N ASN A 272 11.75 -17.92 2.85
CA ASN A 272 10.28 -17.96 2.76
C ASN A 272 9.85 -19.42 2.73
N ALA A 273 8.88 -19.77 3.56
CA ALA A 273 8.35 -21.13 3.61
C ALA A 273 7.03 -21.27 2.85
N GLY A 274 6.80 -22.44 2.24
CA GLY A 274 5.50 -22.60 1.67
C GLY A 274 5.42 -24.04 1.17
N TYR A 275 4.48 -24.28 0.27
CA TYR A 275 3.99 -25.60 -0.06
C TYR A 275 3.60 -25.75 -1.52
N MET A 276 3.53 -27.00 -1.96
CA MET A 276 2.86 -27.38 -3.20
C MET A 276 2.05 -28.63 -2.93
N ILE A 277 0.96 -28.76 -3.65
CA ILE A 277 0.12 -29.92 -3.48
C ILE A 277 0.33 -30.81 -4.71
N GLY A 278 0.34 -32.12 -4.49
CA GLY A 278 0.60 -33.05 -5.60
C GLY A 278 0.39 -34.50 -5.21
N THR A 279 1.08 -35.38 -5.94
CA THR A 279 0.89 -36.82 -5.76
C THR A 279 2.22 -37.50 -5.44
N TRP A 280 2.14 -38.71 -4.91
CA TRP A 280 3.38 -39.45 -4.57
C TRP A 280 3.03 -40.90 -4.62
N GLU A 281 3.73 -41.62 -5.47
CA GLU A 281 3.79 -43.07 -5.36
C GLU A 281 4.90 -43.41 -4.38
N PRO A 282 4.57 -44.17 -3.33
CA PRO A 282 5.60 -44.31 -2.27
C PRO A 282 6.90 -44.88 -2.78
N GLY A 283 8.00 -44.23 -2.43
CA GLY A 283 9.34 -44.54 -2.96
C GLY A 283 9.71 -43.70 -4.19
N GLY A 284 8.75 -42.96 -4.76
CA GLY A 284 9.02 -42.22 -6.01
C GLY A 284 9.25 -40.75 -5.78
N GLU A 285 9.28 -39.96 -6.86
CA GLU A 285 9.41 -38.49 -6.79
C GLU A 285 8.08 -37.90 -6.47
N PHE A 286 8.11 -36.76 -5.77
CA PHE A 286 6.91 -35.97 -5.59
C PHE A 286 6.55 -35.32 -6.93
N LYS A 287 5.26 -35.38 -7.31
CA LYS A 287 4.79 -34.82 -8.55
CA LYS A 287 4.79 -34.82 -8.57
C LYS A 287 3.89 -33.61 -8.23
N PRO A 288 4.40 -32.37 -8.33
CA PRO A 288 3.54 -31.24 -7.94
C PRO A 288 2.38 -30.94 -8.89
N GLU A 289 1.24 -30.54 -8.33
CA GLU A 289 0.09 -30.16 -9.14
C GLU A 289 -0.24 -28.70 -9.03
N THR A 290 0.51 -27.98 -8.18
CA THR A 290 0.32 -26.54 -7.93
C THR A 290 1.66 -25.82 -7.92
N GLU A 291 1.63 -24.54 -8.26
CA GLU A 291 2.75 -23.64 -8.03
C GLU A 291 2.96 -23.41 -6.52
N PHE A 292 4.16 -22.96 -6.19
CA PHE A 292 4.50 -22.64 -4.81
C PHE A 292 3.61 -21.57 -4.23
N ARG A 293 3.11 -21.84 -3.00
CA ARG A 293 2.32 -20.85 -2.28
C ARG A 293 2.83 -20.71 -0.86
N LEU A 294 2.78 -19.50 -0.29
CA LEU A 294 3.21 -19.30 1.10
C LEU A 294 2.32 -19.95 2.14
N TRP A 295 2.92 -20.59 3.16
CA TRP A 295 2.16 -20.96 4.37
C TRP A 295 1.56 -19.73 5.02
N ASP A 296 2.38 -18.68 5.11
CA ASP A 296 1.96 -17.49 5.85
C ASP A 296 2.50 -16.29 5.11
N CYS A 297 1.64 -15.33 4.80
CA CYS A 297 2.03 -14.14 4.03
C CYS A 297 2.57 -12.99 4.89
N GLY A 298 2.72 -13.15 6.22
CA GLY A 298 3.09 -12.06 7.10
C GLY A 298 4.62 -11.78 7.13
N HIS A 299 5.00 -10.85 7.99
CA HIS A 299 6.40 -10.37 8.02
C HIS A 299 7.31 -11.37 8.72
N ASN A 300 6.73 -12.14 9.65
CA ASN A 300 7.58 -12.94 10.59
C ASN A 300 7.09 -14.34 10.75
N TYR A 301 7.63 -15.22 9.93
CA TYR A 301 7.18 -16.63 9.93
C TYR A 301 8.16 -17.45 9.15
N TYR A 302 8.64 -18.55 9.74
CA TYR A 302 9.56 -19.41 9.03
C TYR A 302 9.65 -20.75 9.75
N ALA A 303 10.31 -21.69 9.09
CA ALA A 303 10.66 -23.00 9.68
C ALA A 303 9.50 -23.81 10.33
N PRO A 304 8.30 -23.78 9.69
CA PRO A 304 7.25 -24.57 10.27
C PRO A 304 7.54 -26.07 10.31
N GLN A 305 7.09 -26.70 11.37
CA GLN A 305 7.13 -28.15 11.44
C GLN A 305 5.73 -28.70 11.70
N SER A 306 5.35 -29.81 11.08
CA SER A 306 4.02 -30.33 11.35
C SER A 306 4.14 -31.75 11.97
N PHE A 307 3.09 -32.24 12.65
CA PHE A 307 3.04 -33.60 13.12
C PHE A 307 1.60 -34.09 13.04
N ASN A 308 1.40 -35.38 13.21
CA ASN A 308 0.09 -35.97 13.06
C ASN A 308 -0.40 -36.50 14.38
N VAL A 309 -1.64 -36.19 14.73
CA VAL A 309 -2.21 -36.71 15.97
C VAL A 309 -3.64 -37.06 15.61
N ASP A 310 -3.97 -38.36 15.68
CA ASP A 310 -5.31 -38.88 15.46
C ASP A 310 -5.94 -38.33 14.19
N GLY A 311 -5.23 -38.48 13.07
CA GLY A 311 -5.73 -38.01 11.78
C GLY A 311 -5.61 -36.52 11.52
N ARG A 312 -5.17 -35.73 12.50
CA ARG A 312 -5.04 -34.29 12.26
C ARG A 312 -3.58 -33.92 12.10
N GLN A 313 -3.28 -33.11 11.10
CA GLN A 313 -1.90 -32.63 10.88
C GLN A 313 -1.81 -31.20 11.45
N ILE A 314 -0.96 -31.02 12.41
CA ILE A 314 -0.94 -29.75 13.14
C ILE A 314 0.41 -29.12 12.93
N VAL A 315 0.47 -27.80 12.78
CA VAL A 315 1.72 -27.14 12.42
C VAL A 315 1.99 -25.91 13.28
N TYR A 316 3.24 -25.78 13.75
CA TYR A 316 3.73 -24.53 14.36
C TYR A 316 4.77 -23.90 13.44
N GLY A 317 4.80 -22.57 13.39
CA GLY A 317 5.93 -21.86 12.76
C GLY A 317 6.70 -21.03 13.80
N TRP A 318 7.94 -20.67 13.48
CA TRP A 318 8.66 -19.72 14.33
C TRP A 318 8.38 -18.34 13.75
N MET A 319 8.02 -17.37 14.58
CA MET A 319 7.89 -16.00 14.09
C MET A 319 9.27 -15.40 14.04
N SER A 320 9.87 -15.42 12.83
CA SER A 320 11.30 -15.17 12.65
C SER A 320 11.52 -13.69 12.49
N PRO A 321 12.40 -13.10 13.35
CA PRO A 321 12.78 -11.67 13.17
C PRO A 321 14.08 -11.61 12.40
N PHE A 322 13.99 -11.51 11.09
CA PHE A 322 15.20 -11.53 10.27
C PHE A 322 15.72 -10.12 9.96
N VAL A 323 14.92 -9.11 10.28
CA VAL A 323 15.22 -7.76 9.85
C VAL A 323 15.41 -6.81 11.07
N GLN A 324 16.48 -6.05 11.03
CA GLN A 324 16.76 -5.02 12.07
C GLN A 324 15.85 -3.77 11.93
N PRO A 325 15.53 -3.08 13.05
CA PRO A 325 15.94 -3.42 14.43
C PRO A 325 14.99 -4.44 15.05
N ILE A 326 15.51 -5.23 16.01
CA ILE A 326 14.69 -6.22 16.69
C ILE A 326 14.64 -5.79 18.19
N PRO A 327 13.68 -4.92 18.56
CA PRO A 327 13.91 -4.33 19.89
C PRO A 327 13.61 -5.25 21.04
N MET A 328 12.93 -6.39 20.80
CA MET A 328 12.71 -7.34 21.89
C MET A 328 14.01 -7.96 22.37
N GLU A 329 15.02 -7.96 21.53
CA GLU A 329 16.33 -8.56 21.95
C GLU A 329 17.01 -7.86 23.15
N ASP A 330 16.58 -6.62 23.44
CA ASP A 330 17.07 -5.90 24.63
C ASP A 330 16.38 -6.33 25.92
N ASP A 331 15.44 -7.25 25.78
CA ASP A 331 14.46 -7.51 26.85
C ASP A 331 14.65 -8.90 27.44
N GLY A 332 15.77 -9.51 27.12
CA GLY A 332 16.13 -10.85 27.69
C GLY A 332 15.46 -12.05 27.06
N TRP A 333 14.76 -11.83 25.93
CA TRP A 333 14.24 -12.95 25.15
C TRP A 333 14.24 -12.53 23.68
N CYS A 334 14.06 -13.49 22.78
CA CYS A 334 13.83 -13.09 21.39
C CYS A 334 13.13 -14.26 20.69
N GLY A 335 11.95 -14.04 20.05
CA GLY A 335 11.35 -15.14 19.23
C GLY A 335 10.23 -15.78 19.99
N GLN A 336 9.12 -15.97 19.30
CA GLN A 336 7.99 -16.78 19.78
C GLN A 336 7.54 -17.67 18.64
N LEU A 337 6.75 -18.69 18.99
CA LEU A 337 6.11 -19.49 17.94
C LEU A 337 4.72 -18.94 17.62
N THR A 338 4.17 -19.33 16.48
CA THR A 338 2.73 -19.03 16.17
C THR A 338 1.84 -19.87 17.05
N LEU A 339 0.53 -19.58 17.02
CA LEU A 339 -0.40 -20.57 17.59
C LEU A 339 -0.32 -21.85 16.73
N PRO A 340 -0.74 -23.00 17.28
CA PRO A 340 -0.82 -24.28 16.54
C PRO A 340 -1.95 -24.21 15.52
N ARG A 341 -1.66 -24.61 14.27
CA ARG A 341 -2.69 -24.57 13.23
C ARG A 341 -2.95 -25.97 12.68
N GLU A 342 -4.15 -26.20 12.18
CA GLU A 342 -4.46 -27.49 11.53
C GLU A 342 -4.36 -27.37 10.02
N ILE A 343 -3.73 -28.35 9.37
CA ILE A 343 -3.58 -28.26 7.87
C ILE A 343 -4.76 -29.03 7.24
N THR A 344 -5.58 -28.36 6.44
CA THR A 344 -6.70 -29.03 5.82
C THR A 344 -6.68 -28.56 4.35
N LEU A 345 -7.57 -29.14 3.53
CA LEU A 345 -7.71 -28.70 2.15
C LEU A 345 -9.13 -28.19 2.07
N GLY A 346 -9.31 -26.98 1.52
CA GLY A 346 -10.63 -26.35 1.40
C GLY A 346 -11.40 -26.72 0.14
N ASP A 347 -12.60 -26.18 0.01
CA ASP A 347 -13.44 -26.58 -1.12
C ASP A 347 -12.80 -26.23 -2.46
N ASP A 348 -11.90 -25.24 -2.47
CA ASP A 348 -11.25 -24.85 -3.72
C ASP A 348 -10.02 -25.65 -4.02
N GLY A 349 -9.69 -26.59 -3.13
CA GLY A 349 -8.58 -27.51 -3.31
C GLY A 349 -7.29 -26.98 -2.68
N ASP A 350 -7.29 -25.77 -2.12
CA ASP A 350 -6.04 -25.17 -1.59
C ASP A 350 -5.93 -25.44 -0.08
N VAL A 351 -4.72 -25.43 0.44
CA VAL A 351 -4.45 -25.57 1.86
C VAL A 351 -5.09 -24.44 2.66
N VAL A 352 -5.57 -24.83 3.82
CA VAL A 352 -6.21 -23.95 4.76
C VAL A 352 -5.48 -24.27 6.06
N THR A 353 -5.08 -23.25 6.81
CA THR A 353 -4.45 -23.49 8.11
C THR A 353 -5.16 -22.62 9.21
N ALA A 354 -6.32 -23.07 9.64
CA ALA A 354 -7.03 -22.44 10.72
C ALA A 354 -6.32 -22.76 12.03
N PRO A 355 -6.52 -21.92 13.07
CA PRO A 355 -6.04 -22.33 14.40
C PRO A 355 -6.65 -23.70 14.72
N VAL A 356 -5.92 -24.58 15.41
CA VAL A 356 -6.60 -25.76 15.95
C VAL A 356 -7.81 -25.40 16.85
N ALA A 357 -8.77 -26.30 16.85
CA ALA A 357 -10.03 -26.13 17.59
C ALA A 357 -9.77 -25.79 19.07
N GLU A 358 -8.71 -26.39 19.66
CA GLU A 358 -8.42 -26.19 21.06
C GLU A 358 -8.18 -24.70 21.41
N MET A 359 -7.85 -23.90 20.41
CA MET A 359 -7.54 -22.47 20.68
C MET A 359 -8.78 -21.67 21.11
N GLU A 360 -9.98 -22.19 20.83
CA GLU A 360 -11.22 -21.57 21.36
C GLU A 360 -11.18 -21.52 22.88
N GLY A 361 -10.43 -22.47 23.50
CA GLY A 361 -10.35 -22.56 24.97
C GLY A 361 -9.48 -21.40 25.54
N LEU A 362 -8.83 -20.61 24.68
CA LEU A 362 -8.07 -19.44 25.18
C LEU A 362 -9.04 -18.33 25.60
N ARG A 363 -10.29 -18.41 25.16
CA ARG A 363 -11.19 -17.28 25.34
C ARG A 363 -11.68 -17.22 26.78
N GLU A 364 -11.50 -16.07 27.42
CA GLU A 364 -12.05 -15.83 28.74
C GLU A 364 -13.49 -15.38 28.69
N ASP A 365 -13.92 -14.76 27.59
CA ASP A 365 -15.23 -14.12 27.49
C ASP A 365 -15.50 -13.86 26.02
N THR A 366 -16.66 -13.27 25.73
CA THR A 366 -17.06 -12.86 24.40
C THR A 366 -17.78 -11.54 24.57
N LEU A 367 -17.25 -10.52 23.93
CA LEU A 367 -17.90 -9.23 23.88
C LEU A 367 -18.46 -9.07 22.45
N ASP A 368 -19.77 -9.27 22.33
CA ASP A 368 -20.42 -9.31 21.01
C ASP A 368 -20.84 -7.92 20.64
N HIS A 369 -20.15 -7.34 19.68
CA HIS A 369 -20.47 -5.96 19.25
C HIS A 369 -21.60 -5.88 18.26
N GLY A 370 -22.06 -7.02 17.77
CA GLY A 370 -23.10 -7.06 16.76
C GLY A 370 -22.58 -6.51 15.44
N SER A 371 -23.49 -5.96 14.66
CA SER A 371 -23.25 -5.40 13.35
C SER A 371 -22.82 -3.94 13.61
N VAL A 372 -21.77 -3.49 12.94
CA VAL A 372 -21.31 -2.06 13.05
C VAL A 372 -21.22 -1.46 11.62
N THR A 373 -21.71 -0.24 11.45
CA THR A 373 -21.55 0.43 10.15
C THR A 373 -20.84 1.78 10.35
N LEU A 374 -19.83 2.07 9.51
CA LEU A 374 -19.24 3.43 9.48
C LEU A 374 -19.74 3.97 8.14
N ASP A 375 -20.43 5.11 8.14
CA ASP A 375 -21.07 5.62 6.94
C ASP A 375 -20.14 6.32 5.96
N MET A 376 -18.92 6.63 6.41
CA MET A 376 -17.98 7.40 5.59
C MET A 376 -16.68 7.27 6.32
N ASP A 377 -15.65 7.89 5.78
CA ASP A 377 -14.33 7.87 6.40
C ASP A 377 -14.40 8.13 7.91
N GLY A 378 -13.85 7.22 8.71
CA GLY A 378 -13.83 7.49 10.14
C GLY A 378 -13.30 6.31 10.91
N GLU A 379 -13.46 6.38 12.23
CA GLU A 379 -12.85 5.37 13.12
C GLU A 379 -13.82 5.22 14.30
N GLN A 380 -13.81 4.04 14.92
CA GLN A 380 -14.55 3.79 16.16
C GLN A 380 -13.66 2.94 17.08
N ILE A 381 -13.58 3.33 18.34
CA ILE A 381 -12.86 2.50 19.30
C ILE A 381 -13.64 1.20 19.58
N ILE A 382 -12.96 0.09 19.37
CA ILE A 382 -13.51 -1.21 19.76
C ILE A 382 -13.00 -1.62 21.17
N ALA A 383 -11.80 -1.18 21.54
CA ALA A 383 -11.16 -1.50 22.84
C ALA A 383 -10.21 -0.39 23.19
N ASP A 384 -10.28 0.15 24.40
CA ASP A 384 -9.37 1.22 24.82
C ASP A 384 -8.00 0.66 25.23
N ASP A 385 -7.97 -0.56 25.75
CA ASP A 385 -6.71 -1.20 26.17
C ASP A 385 -6.66 -2.71 26.00
N ALA A 386 -6.10 -3.15 24.89
CA ALA A 386 -6.06 -4.57 24.54
C ALA A 386 -4.65 -5.09 24.52
N GLU A 387 -4.30 -5.79 25.61
CA GLU A 387 -3.02 -6.53 25.70
C GLU A 387 -2.96 -7.86 24.95
N ALA A 388 -4.01 -8.69 25.12
CA ALA A 388 -4.06 -10.05 24.50
C ALA A 388 -5.51 -10.39 24.20
N VAL A 389 -5.89 -10.30 22.94
CA VAL A 389 -7.31 -10.40 22.55
C VAL A 389 -7.36 -11.07 21.20
N GLU A 390 -8.52 -11.67 20.93
CA GLU A 390 -8.87 -12.20 19.61
C GLU A 390 -10.05 -11.40 19.11
N ILE A 391 -9.95 -10.85 17.92
CA ILE A 391 -11.11 -10.27 17.27
C ILE A 391 -11.63 -11.10 16.10
N GLU A 392 -12.92 -11.42 16.06
CA GLU A 392 -13.52 -12.08 14.90
C GLU A 392 -14.46 -11.09 14.25
N MET A 393 -14.30 -10.91 12.94
CA MET A 393 -15.17 -9.97 12.25
C MET A 393 -15.46 -10.44 10.86
N THR A 394 -16.66 -10.13 10.37
CA THR A 394 -17.03 -10.38 9.00
C THR A 394 -17.38 -9.05 8.40
N ILE A 395 -16.74 -8.77 7.26
CA ILE A 395 -16.98 -7.53 6.53
C ILE A 395 -17.84 -7.86 5.34
N ASP A 396 -18.84 -7.03 5.10
CA ASP A 396 -19.62 -7.09 3.89
C ASP A 396 -18.89 -6.25 2.82
N LEU A 397 -18.05 -6.92 2.03
CA LEU A 397 -17.40 -6.31 0.86
C LEU A 397 -18.33 -5.70 -0.17
N ALA A 398 -19.51 -6.28 -0.37
CA ALA A 398 -20.37 -5.83 -1.48
C ALA A 398 -20.97 -4.50 -1.11
N ALA A 399 -21.26 -4.29 0.17
CA ALA A 399 -21.91 -3.03 0.62
C ALA A 399 -20.94 -1.91 0.97
N SER A 400 -19.70 -2.25 1.31
CA SER A 400 -18.76 -1.30 1.89
C SER A 400 -18.12 -0.55 0.72
N THR A 401 -18.16 0.79 0.73
CA THR A 401 -17.52 1.54 -0.38
C THR A 401 -16.14 2.04 -0.01
N ALA A 402 -15.70 1.81 1.23
CA ALA A 402 -14.34 2.21 1.64
C ALA A 402 -13.34 1.56 0.69
N GLU A 403 -12.29 2.30 0.39
CA GLU A 403 -11.16 1.86 -0.42
C GLU A 403 -10.26 0.95 0.38
N ARG A 404 -10.23 1.16 1.69
CA ARG A 404 -9.40 0.36 2.57
C ARG A 404 -10.03 0.46 3.95
N ALA A 405 -9.99 -0.62 4.72
CA ALA A 405 -10.76 -0.65 5.95
C ALA A 405 -10.32 -1.82 6.80
N GLY A 406 -10.40 -1.69 8.12
CA GLY A 406 -10.10 -2.83 8.93
C GLY A 406 -9.91 -2.41 10.35
N LEU A 407 -8.84 -2.91 11.00
CA LEU A 407 -8.60 -2.67 12.43
C LEU A 407 -7.21 -2.06 12.60
N LYS A 408 -7.10 -0.93 13.32
CA LYS A 408 -5.80 -0.53 13.88
C LYS A 408 -5.67 -1.18 15.26
N ILE A 409 -4.60 -1.96 15.45
CA ILE A 409 -4.29 -2.60 16.72
C ILE A 409 -3.03 -1.94 17.33
N HIS A 410 -2.78 -2.20 18.61
CA HIS A 410 -1.71 -1.54 19.31
C HIS A 410 -1.74 -0.03 19.06
N ALA A 411 -2.93 0.56 19.07
CA ALA A 411 -3.06 1.97 18.69
C ALA A 411 -2.82 2.79 19.96
N THR A 412 -1.65 3.40 20.09
CA THR A 412 -1.26 3.97 21.34
C THR A 412 -1.35 5.51 21.28
N GLU A 413 -1.10 6.16 22.40
CA GLU A 413 -1.34 7.59 22.53
C GLU A 413 -0.40 8.50 21.70
N ASP A 414 0.75 7.96 21.29
CA ASP A 414 1.73 8.65 20.45
C ASP A 414 1.31 8.59 18.98
N GLY A 415 0.21 7.87 18.69
CA GLY A 415 -0.34 7.79 17.33
C GLY A 415 0.18 6.62 16.52
N ALA A 416 1.00 5.77 17.13
CA ALA A 416 1.50 4.56 16.44
C ALA A 416 0.39 3.51 16.47
N TYR A 417 0.43 2.60 15.52
CA TYR A 417 -0.48 1.46 15.39
C TYR A 417 0.03 0.51 14.32
N THR A 418 -0.54 -0.72 14.31
CA THR A 418 -0.40 -1.67 13.23
C THR A 418 -1.77 -1.84 12.58
N TYR A 419 -1.84 -1.83 11.25
CA TYR A 419 -3.11 -1.76 10.57
C TYR A 419 -3.37 -3.08 9.83
N VAL A 420 -4.50 -3.71 10.14
CA VAL A 420 -4.92 -4.96 9.53
C VAL A 420 -6.09 -4.52 8.66
N ALA A 421 -5.94 -4.61 7.34
CA ALA A 421 -6.94 -4.04 6.41
C ALA A 421 -7.23 -4.86 5.18
N TYR A 422 -8.47 -4.77 4.71
CA TYR A 422 -8.75 -5.14 3.35
C TYR A 422 -8.39 -3.88 2.53
N ASP A 423 -7.64 -4.08 1.44
CA ASP A 423 -7.30 -3.03 0.52
C ASP A 423 -7.96 -3.32 -0.81
N GLY A 424 -8.97 -2.52 -1.18
CA GLY A 424 -9.74 -2.77 -2.41
C GLY A 424 -9.08 -2.44 -3.71
N GLN A 425 -7.96 -1.71 -3.67
CA GLN A 425 -7.26 -1.41 -4.94
C GLN A 425 -6.49 -2.61 -5.40
N ILE A 426 -5.98 -3.38 -4.43
CA ILE A 426 -5.24 -4.57 -4.79
C ILE A 426 -6.03 -5.89 -4.56
N GLY A 427 -7.13 -5.81 -3.78
CA GLY A 427 -7.98 -7.03 -3.51
C GLY A 427 -7.20 -8.01 -2.61
N ARG A 428 -6.59 -7.47 -1.56
CA ARG A 428 -5.80 -8.27 -0.62
C ARG A 428 -6.05 -7.86 0.82
N VAL A 429 -5.67 -8.73 1.75
CA VAL A 429 -5.67 -8.36 3.16
C VAL A 429 -4.25 -7.97 3.54
N VAL A 430 -4.04 -6.76 4.06
CA VAL A 430 -2.66 -6.30 4.42
C VAL A 430 -2.45 -6.23 5.96
N VAL A 431 -1.20 -6.42 6.37
CA VAL A 431 -0.76 -5.99 7.68
C VAL A 431 0.27 -4.94 7.38
N ASP A 432 0.01 -3.71 7.88
CA ASP A 432 0.87 -2.58 7.52
C ASP A 432 1.42 -1.90 8.78
N ARG A 433 2.76 -1.82 8.88
CA ARG A 433 3.42 -1.37 10.09
C ARG A 433 4.03 0.01 9.94
N GLN A 434 3.60 0.76 8.91
CA GLN A 434 4.23 2.06 8.61
C GLN A 434 4.23 3.02 9.76
N ALA A 435 3.17 2.96 10.59
CA ALA A 435 3.05 3.90 11.71
C ALA A 435 3.67 3.41 13.00
N MET A 436 4.19 2.20 13.04
CA MET A 436 4.85 1.69 14.27
C MET A 436 6.12 2.44 14.68
N ALA A 437 6.26 2.59 15.99
CA ALA A 437 7.32 3.43 16.53
C ALA A 437 8.53 2.60 16.90
N ASN A 438 8.40 1.28 16.90
CA ASN A 438 9.51 0.36 17.26
C ASN A 438 9.54 -0.80 16.26
N GLY A 439 10.73 -1.31 15.94
CA GLY A 439 10.87 -2.50 15.03
C GLY A 439 10.85 -2.09 13.56
N ASP A 440 11.20 -3.00 12.67
CA ASP A 440 11.10 -2.59 11.26
C ASP A 440 9.64 -2.63 10.83
N ARG A 441 9.32 -1.93 9.73
CA ARG A 441 7.94 -1.60 9.42
C ARG A 441 7.49 -2.36 8.16
N GLY A 442 7.12 -1.65 7.09
CA GLY A 442 6.70 -2.27 5.86
C GLY A 442 5.29 -2.83 5.99
N TYR A 443 4.84 -3.42 4.90
CA TYR A 443 3.58 -4.17 4.90
C TYR A 443 3.69 -5.48 4.11
N ARG A 444 2.73 -6.34 4.34
CA ARG A 444 2.63 -7.66 3.69
C ARG A 444 1.17 -7.84 3.26
N ALA A 445 0.94 -8.43 2.09
CA ALA A 445 -0.41 -8.48 1.53
C ALA A 445 -0.71 -9.88 1.06
N ALA A 446 -1.76 -10.46 1.64
CA ALA A 446 -2.13 -11.86 1.35
C ALA A 446 -3.15 -11.89 0.25
N PRO A 447 -3.05 -12.87 -0.67
CA PRO A 447 -3.97 -12.82 -1.85
C PRO A 447 -5.38 -13.29 -1.51
N LEU A 448 -6.36 -12.73 -2.21
CA LEU A 448 -7.72 -13.26 -2.28
C LEU A 448 -8.03 -13.76 -3.67
N THR A 449 -8.62 -14.95 -3.79
CA THR A 449 -8.98 -15.48 -5.10
C THR A 449 -10.17 -14.70 -5.72
N ASP A 450 -10.41 -14.86 -7.01
CA ASP A 450 -11.60 -14.22 -7.64
C ASP A 450 -12.89 -14.65 -6.94
N ALA A 451 -12.97 -15.93 -6.57
CA ALA A 451 -14.16 -16.42 -5.89
C ALA A 451 -14.33 -15.74 -4.50
N GLU A 452 -13.23 -15.55 -3.79
CA GLU A 452 -13.27 -14.91 -2.46
C GLU A 452 -13.69 -13.46 -2.62
N LEU A 453 -13.22 -12.82 -3.69
CA LEU A 453 -13.66 -11.45 -3.91
C LEU A 453 -15.11 -11.40 -4.34
N ALA A 454 -15.55 -12.37 -5.17
CA ALA A 454 -16.94 -12.36 -5.64
C ALA A 454 -17.91 -12.75 -4.53
N SER A 455 -17.41 -13.36 -3.47
CA SER A 455 -18.35 -13.88 -2.48
C SER A 455 -19.19 -12.77 -1.83
N GLY A 456 -18.61 -11.59 -1.63
CA GLY A 456 -19.32 -10.49 -0.99
C GLY A 456 -19.01 -10.33 0.51
N LYS A 457 -18.30 -11.31 1.11
CA LYS A 457 -18.01 -11.30 2.55
C LYS A 457 -16.55 -11.68 2.78
N LEU A 458 -15.96 -11.19 3.85
CA LEU A 458 -14.57 -11.41 4.19
C LEU A 458 -14.52 -11.61 5.70
N ASP A 459 -13.97 -12.73 6.14
CA ASP A 459 -13.86 -13.03 7.56
C ASP A 459 -12.41 -12.79 7.94
N LEU A 460 -12.21 -12.10 9.06
CA LEU A 460 -10.89 -11.95 9.66
C LEU A 460 -10.96 -12.45 11.10
N ARG A 461 -9.95 -13.21 11.51
CA ARG A 461 -9.86 -13.64 12.91
C ARG A 461 -8.47 -13.20 13.33
N VAL A 462 -8.40 -12.24 14.25
CA VAL A 462 -7.17 -11.51 14.53
C VAL A 462 -6.75 -11.73 15.97
N PHE A 463 -5.56 -12.33 16.13
CA PHE A 463 -5.05 -12.56 17.46
C PHE A 463 -3.98 -11.48 17.72
N VAL A 464 -4.21 -10.65 18.73
CA VAL A 464 -3.23 -9.66 19.17
C VAL A 464 -2.59 -10.18 20.48
N ASP A 465 -1.25 -10.25 20.54
CA ASP A 465 -0.56 -10.56 21.79
C ASP A 465 0.33 -9.35 22.07
N ARG A 466 1.14 -9.42 23.10
CA ARG A 466 1.84 -8.21 23.55
C ARG A 466 2.80 -7.66 22.52
N GLY A 467 3.35 -8.55 21.69
CA GLY A 467 4.35 -8.13 20.68
C GLY A 467 4.07 -8.61 19.27
N SER A 468 2.83 -9.03 19.01
CA SER A 468 2.54 -9.72 17.74
C SER A 468 1.08 -9.64 17.32
N VAL A 469 0.86 -9.84 16.01
CA VAL A 469 -0.46 -10.00 15.46
C VAL A 469 -0.49 -11.22 14.48
N GLU A 470 -1.57 -11.99 14.51
CA GLU A 470 -1.75 -13.05 13.54
C GLU A 470 -3.15 -12.83 12.98
N VAL A 471 -3.24 -12.75 11.66
CA VAL A 471 -4.49 -12.46 10.97
C VAL A 471 -4.90 -13.70 10.17
N TYR A 472 -5.96 -14.34 10.59
CA TYR A 472 -6.47 -15.54 9.88
C TYR A 472 -7.55 -15.11 8.93
N VAL A 473 -7.30 -15.27 7.62
CA VAL A 473 -8.20 -14.74 6.59
C VAL A 473 -9.11 -15.86 6.08
N ASN A 474 -10.43 -15.61 6.11
CA ASN A 474 -11.37 -16.61 5.63
C ASN A 474 -11.13 -18.02 6.26
N GLY A 475 -11.07 -18.05 7.58
CA GLY A 475 -10.95 -19.33 8.27
C GLY A 475 -9.54 -19.91 8.17
N GLY A 476 -8.56 -19.07 7.89
CA GLY A 476 -7.12 -19.51 7.73
C GLY A 476 -6.78 -19.97 6.30
N HIS A 477 -7.66 -19.71 5.31
CA HIS A 477 -7.24 -19.84 3.91
C HIS A 477 -5.93 -19.11 3.64
N GLN A 478 -5.77 -17.92 4.20
CA GLN A 478 -4.46 -17.27 4.33
C GLN A 478 -4.27 -16.80 5.77
N VAL A 479 -3.00 -16.63 6.13
CA VAL A 479 -2.61 -16.14 7.46
C VAL A 479 -1.46 -15.17 7.30
N LEU A 480 -1.46 -14.10 8.10
CA LEU A 480 -0.31 -13.20 8.09
C LEU A 480 0.08 -13.15 9.54
N SER A 481 1.33 -13.54 9.82
CA SER A 481 1.89 -13.36 11.17
C SER A 481 3.00 -12.33 11.16
N SER A 482 2.92 -11.39 12.12
CA SER A 482 3.90 -10.28 12.19
C SER A 482 4.13 -9.79 13.59
N TYR A 483 5.39 -9.46 13.92
CA TYR A 483 5.65 -8.74 15.17
C TYR A 483 5.04 -7.33 15.10
N SER A 484 4.59 -6.85 16.24
CA SER A 484 4.05 -5.49 16.37
C SER A 484 4.48 -5.04 17.71
N TYR A 485 5.53 -4.20 17.76
CA TYR A 485 6.10 -3.82 19.07
C TYR A 485 5.41 -2.54 19.59
N ALA A 486 4.27 -2.72 20.26
CA ALA A 486 3.49 -1.59 20.73
C ALA A 486 4.34 -0.57 21.50
N SER A 487 3.95 0.70 21.38
CA SER A 487 4.48 1.74 22.18
C SER A 487 3.90 1.65 23.59
N GLU A 488 4.30 2.61 24.42
CA GLU A 488 3.95 2.67 25.83
C GLU A 488 2.50 3.13 26.01
N GLY A 489 1.95 2.87 27.21
CA GLY A 489 0.56 3.25 27.57
C GLY A 489 -0.53 2.31 27.07
N PRO A 490 -1.79 2.77 27.11
CA PRO A 490 -2.94 1.93 26.71
C PRO A 490 -2.88 1.62 25.23
N ARG A 491 -3.26 0.41 24.86
CA ARG A 491 -3.14 -0.04 23.50
C ARG A 491 -4.55 -0.22 22.88
N ALA A 492 -5.07 0.78 22.17
CA ALA A 492 -6.44 0.70 21.68
C ALA A 492 -6.54 -0.27 20.49
N ILE A 493 -7.78 -0.64 20.19
CA ILE A 493 -8.11 -1.23 18.90
C ILE A 493 -9.22 -0.39 18.30
N LYS A 494 -9.03 0.00 17.05
CA LYS A 494 -9.98 0.84 16.36
C LYS A 494 -10.43 0.22 15.03
N LEU A 495 -11.74 0.27 14.79
CA LEU A 495 -12.31 -0.05 13.49
C LEU A 495 -12.16 1.17 12.59
N VAL A 496 -11.73 0.99 11.34
CA VAL A 496 -11.39 2.11 10.49
C VAL A 496 -11.96 1.92 9.12
N ALA A 497 -12.55 2.99 8.55
CA ALA A 497 -12.99 3.06 7.15
C ALA A 497 -12.28 4.25 6.50
N GLU A 498 -11.73 4.03 5.32
CA GLU A 498 -11.09 5.15 4.58
C GLU A 498 -11.83 5.44 3.31
N SER A 499 -12.25 6.69 3.16
CA SER A 499 -12.77 7.23 1.90
C SER A 499 -14.07 6.52 1.41
N GLY A 500 -14.85 6.01 2.35
CA GLY A 500 -16.12 5.36 2.01
C GLY A 500 -16.65 4.61 3.23
N SER A 501 -17.74 3.86 3.02
CA SER A 501 -18.43 3.24 4.13
C SER A 501 -17.87 1.85 4.43
N LEU A 502 -18.16 1.32 5.63
CA LEU A 502 -17.72 -0.01 6.01
C LEU A 502 -18.89 -0.67 6.72
N LYS A 503 -19.36 -1.80 6.19
CA LYS A 503 -20.42 -2.55 6.85
C LYS A 503 -19.79 -3.81 7.44
N VAL A 504 -19.84 -3.94 8.75
CA VAL A 504 -19.32 -5.10 9.45
C VAL A 504 -20.57 -5.86 9.96
N ASP A 505 -20.73 -7.10 9.48
CA ASP A 505 -21.93 -7.87 9.77
C ASP A 505 -21.87 -8.40 11.18
N SER A 506 -20.65 -8.67 11.69
CA SER A 506 -20.44 -9.26 12.99
C SER A 506 -19.06 -8.90 13.47
N LEU A 507 -18.96 -8.51 14.74
CA LEU A 507 -17.70 -8.13 15.32
C LEU A 507 -17.75 -8.65 16.78
N LYS A 508 -16.80 -9.53 17.16
CA LYS A 508 -16.73 -10.11 18.54
C LYS A 508 -15.30 -10.00 19.05
N LEU A 509 -15.14 -9.61 20.32
CA LEU A 509 -13.83 -9.55 20.96
C LEU A 509 -13.79 -10.57 22.05
N HIS A 510 -12.69 -11.31 22.15
CA HIS A 510 -12.48 -12.22 23.27
C HIS A 510 -11.16 -11.88 23.96
N HIS A 511 -11.16 -11.78 25.29
CA HIS A 511 -9.89 -11.66 26.02
C HIS A 511 -9.21 -13.01 26.10
N MET A 512 -7.87 -13.03 25.98
CA MET A 512 -7.12 -14.27 25.89
C MET A 512 -6.53 -14.57 27.27
N LYS A 513 -6.60 -15.84 27.69
N LYS A 513 -6.59 -15.83 27.70
CA LYS A 513 -5.96 -16.30 28.90
CA LYS A 513 -5.95 -16.25 28.91
C LYS A 513 -4.46 -16.41 28.67
C LYS A 513 -4.45 -16.34 28.68
N SER A 514 -3.71 -16.45 29.77
CA SER A 514 -2.28 -16.81 29.75
C SER A 514 -2.11 -18.32 29.60
N ILE A 515 -1.08 -18.76 28.86
CA ILE A 515 -0.82 -20.22 28.74
C ILE A 515 0.12 -20.72 29.87
N GLY A 516 0.41 -19.80 30.80
CA GLY A 516 1.09 -20.16 32.04
C GLY A 516 2.61 -20.17 31.96
N LEU A 517 3.18 -19.79 30.81
CA LEU A 517 4.62 -19.83 30.58
C LEU A 517 5.35 -18.53 30.94
N GLU A 518 4.59 -17.48 31.18
CA GLU A 518 5.18 -16.18 31.47
C GLU A 518 5.38 -16.11 32.98
N LEU A 519 4.62 -16.96 33.68
CA LEU A 519 4.55 -17.08 35.15
C LEU A 519 3.60 -16.00 35.71
N GLU A 520 3.98 -15.36 36.81
CA GLU A 520 3.19 -14.24 37.32
C GLU A 520 3.41 -13.06 36.38
N HIS A 521 2.30 -12.43 35.98
CA HIS A 521 2.27 -11.27 35.05
C HIS A 521 1.43 -10.12 35.59
N HIS A 522 1.89 -8.90 35.29
CA HIS A 522 1.42 -7.66 35.89
CA HIS A 522 1.35 -7.70 35.93
C HIS A 522 0.50 -6.84 34.97
N HIS A 523 -0.81 -6.91 35.18
CA HIS A 523 -1.77 -5.94 34.58
C HIS A 523 -2.14 -6.23 33.13
N MET B 1 -34.61 22.30 -35.27
CA MET B 1 -33.68 23.30 -34.66
C MET B 1 -32.31 23.22 -35.36
N THR B 2 -32.31 22.70 -36.61
CA THR B 2 -31.07 22.46 -37.39
C THR B 2 -30.20 23.72 -37.58
N ASP B 3 -30.80 24.89 -37.33
CA ASP B 3 -30.02 26.12 -37.09
C ASP B 3 -29.94 26.31 -35.57
N PHE B 4 -29.05 25.53 -34.96
CA PHE B 4 -28.74 25.73 -33.55
C PHE B 4 -27.43 26.50 -33.47
N THR B 5 -26.97 26.99 -34.63
CA THR B 5 -25.83 27.89 -34.70
C THR B 5 -26.23 29.23 -35.36
N PRO B 6 -26.81 30.16 -34.54
CA PRO B 6 -27.26 31.50 -34.99
C PRO B 6 -26.20 32.32 -35.76
N GLU B 7 -26.66 33.05 -36.79
CA GLU B 7 -25.79 33.78 -37.69
C GLU B 7 -25.24 35.00 -36.97
N THR B 8 -25.85 35.31 -35.84
CA THR B 8 -25.59 36.52 -35.11
C THR B 8 -25.82 36.13 -33.65
N PRO B 9 -24.97 36.60 -32.71
CA PRO B 9 -25.20 36.12 -31.32
C PRO B 9 -26.53 36.56 -30.75
N VAL B 10 -27.12 35.76 -29.86
CA VAL B 10 -28.37 36.06 -29.18
C VAL B 10 -28.07 36.67 -27.80
N LEU B 11 -28.39 37.93 -27.59
CA LEU B 11 -28.04 38.59 -26.33
C LEU B 11 -29.29 38.93 -25.58
N THR B 12 -29.44 38.40 -24.36
CA THR B 12 -30.68 38.55 -23.61
C THR B 12 -30.40 38.94 -22.16
N PRO B 13 -30.11 40.23 -21.91
CA PRO B 13 -29.77 40.65 -20.55
C PRO B 13 -30.96 40.58 -19.63
N ILE B 14 -30.76 40.05 -18.43
CA ILE B 14 -31.89 39.93 -17.51
C ILE B 14 -31.63 40.55 -16.15
N ARG B 15 -30.37 40.79 -15.83
CA ARG B 15 -29.97 41.44 -14.59
C ARG B 15 -28.92 42.47 -14.95
N ASP B 16 -28.59 43.38 -14.03
CA ASP B 16 -27.56 44.42 -14.28
C ASP B 16 -26.20 43.81 -13.89
N HIS B 17 -25.35 43.55 -14.89
CA HIS B 17 -24.09 42.82 -14.61
C HIS B 17 -23.22 43.55 -13.58
N ALA B 18 -23.08 44.87 -13.74
CA ALA B 18 -22.29 45.65 -12.77
C ALA B 18 -22.81 45.47 -11.33
N ALA B 19 -24.12 45.42 -11.15
CA ALA B 19 -24.68 45.25 -9.79
C ALA B 19 -24.48 43.81 -9.28
N GLU B 20 -24.47 42.85 -10.19
CA GLU B 20 -24.34 41.45 -9.77
C GLU B 20 -22.87 41.24 -9.34
N LEU B 21 -21.96 41.82 -10.14
CA LEU B 21 -20.53 41.80 -9.83
C LEU B 21 -20.27 42.44 -8.45
N ALA B 22 -20.85 43.62 -8.20
CA ALA B 22 -20.67 44.30 -6.92
C ALA B 22 -21.18 43.45 -5.73
N LYS B 23 -22.23 42.69 -5.95
CA LYS B 23 -22.76 41.82 -4.89
C LYS B 23 -21.81 40.66 -4.61
N ALA B 24 -21.30 40.05 -5.67
CA ALA B 24 -20.30 38.95 -5.57
C ALA B 24 -19.03 39.46 -4.86
N GLU B 25 -18.55 40.67 -5.20
CA GLU B 25 -17.37 41.21 -4.54
C GLU B 25 -17.60 41.31 -3.04
N ALA B 26 -18.79 41.72 -2.61
CA ALA B 26 -19.08 41.81 -1.20
C ALA B 26 -19.12 40.44 -0.52
N GLY B 27 -19.65 39.43 -1.22
CA GLY B 27 -19.64 38.05 -0.70
C GLY B 27 -18.23 37.54 -0.39
N VAL B 28 -17.34 37.73 -1.35
CA VAL B 28 -15.96 37.26 -1.22
C VAL B 28 -15.19 38.02 -0.16
N ALA B 29 -15.33 39.33 -0.14
CA ALA B 29 -14.56 40.10 0.84
C ALA B 29 -14.97 39.77 2.30
N GLU B 30 -16.25 39.48 2.52
CA GLU B 30 -16.70 39.08 3.83
C GLU B 30 -16.19 37.68 4.30
N MET B 31 -16.17 36.71 3.39
CA MET B 31 -15.51 35.42 3.70
C MET B 31 -14.01 35.58 3.94
N ALA B 32 -13.36 36.40 3.10
CA ALA B 32 -11.92 36.64 3.25
C ALA B 32 -11.58 37.24 4.59
N ALA B 33 -12.38 38.23 5.04
CA ALA B 33 -12.17 38.95 6.31
C ALA B 33 -12.14 37.99 7.54
N LYS B 34 -12.94 36.92 7.50
CA LYS B 34 -13.04 35.95 8.59
C LYS B 34 -12.25 34.66 8.33
N ARG B 35 -11.64 34.53 7.16
CA ARG B 35 -10.99 33.29 6.76
C ARG B 35 -9.98 32.73 7.78
N ASN B 36 -9.96 31.42 7.97
CA ASN B 36 -9.00 30.77 8.80
CA ASN B 36 -8.94 30.74 8.81
C ASN B 36 -7.84 30.22 7.90
N ASN B 37 -6.61 30.59 8.21
CA ASN B 37 -5.48 30.30 7.29
C ASN B 37 -4.71 29.02 7.57
N ARG B 38 -5.14 28.19 8.52
CA ARG B 38 -4.42 26.94 8.89
C ARG B 38 -4.04 26.04 7.68
N TRP B 39 -4.95 25.88 6.71
CA TRP B 39 -4.70 25.07 5.49
C TRP B 39 -4.63 25.91 4.24
N TYR B 40 -4.79 27.23 4.39
CA TYR B 40 -4.83 28.13 3.21
C TYR B 40 -3.46 28.18 2.48
N PRO B 41 -3.44 28.00 1.12
CA PRO B 41 -2.13 27.98 0.43
C PRO B 41 -1.31 29.26 0.48
N LYS B 42 0.01 29.08 0.63
CA LYS B 42 0.96 30.17 0.54
C LYS B 42 1.37 30.42 -0.91
N TYR B 43 1.35 29.38 -1.73
CA TYR B 43 1.86 29.52 -3.09
C TYR B 43 1.05 28.78 -4.13
N HIS B 44 -0.25 28.61 -3.85
CA HIS B 44 -1.18 28.13 -4.85
C HIS B 44 -2.33 29.12 -4.87
N ILE B 45 -2.98 29.16 -6.03
CA ILE B 45 -4.08 30.10 -6.29
C ILE B 45 -5.35 29.52 -5.66
N ALA B 46 -5.90 30.26 -4.71
CA ALA B 46 -7.26 30.00 -4.20
C ALA B 46 -8.05 31.28 -4.32
N SER B 47 -9.37 31.21 -4.16
CA SER B 47 -10.12 32.45 -3.90
C SER B 47 -9.65 33.06 -2.56
N ASN B 48 -9.70 34.38 -2.46
CA ASN B 48 -9.49 35.03 -1.16
C ASN B 48 -10.64 34.71 -0.18
N GLY B 49 -11.81 34.42 -0.75
CA GLY B 49 -12.96 33.93 0.02
C GLY B 49 -13.89 33.11 -0.85
N GLY B 50 -14.38 32.01 -0.32
CA GLY B 50 -15.34 31.18 -1.02
C GLY B 50 -14.77 29.96 -1.70
N TRP B 51 -15.66 29.15 -2.25
CA TRP B 51 -15.39 27.97 -3.04
C TRP B 51 -14.92 28.30 -4.45
N ILE B 52 -13.92 27.56 -4.93
CA ILE B 52 -13.62 27.60 -6.36
C ILE B 52 -13.66 26.22 -6.96
N ASN B 53 -13.70 26.15 -8.28
CA ASN B 53 -13.45 24.90 -9.03
C ASN B 53 -12.66 25.16 -10.32
N ASP B 54 -13.18 24.74 -11.46
CA ASP B 54 -12.36 24.64 -12.69
C ASP B 54 -11.55 25.91 -12.96
N PRO B 55 -10.24 25.77 -13.31
CA PRO B 55 -9.57 26.87 -13.95
C PRO B 55 -10.21 27.26 -15.30
N ASN B 56 -10.26 28.58 -15.56
CA ASN B 56 -10.96 29.12 -16.72
C ASN B 56 -10.18 30.24 -17.37
N GLY B 57 -10.45 30.47 -18.66
CA GLY B 57 -9.94 31.63 -19.40
C GLY B 57 -8.42 31.81 -19.35
N LEU B 58 -7.70 30.71 -19.14
CA LEU B 58 -6.22 30.78 -19.05
C LEU B 58 -5.58 31.35 -20.32
N CYS B 59 -4.70 32.32 -20.13
CA CYS B 59 -3.97 32.86 -21.27
C CYS B 59 -2.79 33.65 -20.82
N PHE B 60 -1.93 33.96 -21.80
CA PHE B 60 -0.96 35.04 -21.60
C PHE B 60 -1.36 36.09 -22.61
N TYR B 61 -1.55 37.31 -22.16
CA TYR B 61 -2.13 38.29 -23.03
C TYR B 61 -1.63 39.63 -22.59
N LYS B 62 -1.12 40.43 -23.55
CA LYS B 62 -0.68 41.82 -23.27
C LYS B 62 0.25 41.93 -22.04
N GLY B 63 1.23 41.02 -22.00
CA GLY B 63 2.31 41.09 -21.00
C GLY B 63 1.98 40.41 -19.68
N ARG B 64 0.80 39.79 -19.58
CA ARG B 64 0.37 39.19 -18.30
C ARG B 64 -0.16 37.80 -18.44
N TRP B 65 0.16 37.00 -17.40
CA TRP B 65 -0.41 35.70 -17.24
C TRP B 65 -1.76 35.94 -16.55
N HIS B 66 -2.82 35.27 -17.02
CA HIS B 66 -4.13 35.37 -16.42
C HIS B 66 -4.65 34.03 -16.07
N VAL B 67 -5.20 33.94 -14.86
CA VAL B 67 -5.90 32.74 -14.42
C VAL B 67 -7.29 33.17 -13.94
N PHE B 68 -8.34 32.61 -14.53
CA PHE B 68 -9.70 32.79 -13.95
C PHE B 68 -10.11 31.45 -13.34
N TYR B 69 -11.24 31.39 -12.64
CA TYR B 69 -11.68 30.10 -12.05
C TYR B 69 -13.18 30.21 -11.76
N GLN B 70 -13.86 29.10 -11.89
CA GLN B 70 -15.22 28.95 -11.33
C GLN B 70 -15.21 29.31 -9.85
N LEU B 71 -16.21 30.08 -9.43
CA LEU B 71 -16.23 30.67 -8.11
C LEU B 71 -17.68 30.75 -7.65
N HIS B 72 -17.88 30.37 -6.39
CA HIS B 72 -19.13 30.63 -5.70
C HIS B 72 -18.82 31.71 -4.67
N PRO B 73 -19.24 32.96 -4.96
CA PRO B 73 -18.85 34.07 -4.06
C PRO B 73 -19.59 34.13 -2.75
N TYR B 74 -20.55 33.25 -2.51
CA TYR B 74 -21.39 33.37 -1.31
C TYR B 74 -21.29 32.24 -0.27
N GLY B 75 -20.40 31.29 -0.50
CA GLY B 75 -20.25 30.16 0.43
C GLY B 75 -19.06 29.30 0.05
N THR B 76 -18.88 28.23 0.79
CA THR B 76 -17.69 27.40 0.55
C THR B 76 -18.08 26.04 -0.02
N GLN B 77 -19.34 25.89 -0.43
CA GLN B 77 -19.69 24.79 -1.32
C GLN B 77 -19.99 25.29 -2.70
N TRP B 78 -20.18 24.37 -3.64
CA TRP B 78 -20.54 24.79 -4.98
C TRP B 78 -21.90 25.58 -4.91
N GLY B 79 -22.02 26.63 -5.72
CA GLY B 79 -23.26 27.43 -5.77
C GLY B 79 -23.24 28.32 -7.00
N PRO B 80 -24.18 29.28 -7.09
CA PRO B 80 -24.27 30.08 -8.33
C PRO B 80 -22.87 30.53 -8.89
N MET B 81 -22.55 30.10 -10.11
CA MET B 81 -21.19 30.20 -10.66
C MET B 81 -20.84 31.58 -11.26
N HIS B 82 -19.66 32.06 -10.88
CA HIS B 82 -19.11 33.33 -11.25
C HIS B 82 -17.71 33.00 -11.79
N TRP B 83 -17.00 33.96 -12.42
CA TRP B 83 -15.56 33.75 -12.66
C TRP B 83 -14.74 34.70 -11.82
N GLY B 84 -13.82 34.17 -11.01
CA GLY B 84 -12.85 35.05 -10.32
C GLY B 84 -11.61 35.17 -11.19
N HIS B 85 -10.68 36.05 -10.80
CA HIS B 85 -9.54 36.39 -11.65
C HIS B 85 -8.31 36.84 -10.84
N VAL B 86 -7.14 36.29 -11.19
CA VAL B 86 -5.82 36.76 -10.68
C VAL B 86 -4.88 36.94 -11.88
N SER B 87 -3.90 37.83 -11.76
CA SER B 87 -2.96 38.06 -12.86
C SER B 87 -1.56 38.31 -12.31
N SER B 88 -0.56 38.15 -13.17
CA SER B 88 0.83 38.35 -12.79
C SER B 88 1.67 38.63 -14.04
N THR B 89 2.81 39.29 -13.87
CA THR B 89 3.76 39.43 -14.99
C THR B 89 4.72 38.25 -15.08
N ASP B 90 4.77 37.42 -14.04
CA ASP B 90 5.92 36.52 -13.84
C ASP B 90 5.59 35.07 -13.29
N MET B 91 4.30 34.79 -13.06
CA MET B 91 3.75 33.54 -12.46
C MET B 91 4.20 33.36 -11.03
N LEU B 92 4.76 34.41 -10.43
CA LEU B 92 5.31 34.33 -9.10
C LEU B 92 4.68 35.33 -8.13
N ASN B 93 4.36 36.51 -8.62
CA ASN B 93 3.74 37.53 -7.79
C ASN B 93 2.41 37.89 -8.42
N TRP B 94 1.33 37.38 -7.83
CA TRP B 94 0.00 37.58 -8.37
C TRP B 94 -0.75 38.68 -7.65
N LYS B 95 -1.66 39.27 -8.42
CA LYS B 95 -2.54 40.30 -7.97
C LYS B 95 -4.00 39.81 -8.09
N ARG B 96 -4.79 40.02 -7.05
CA ARG B 96 -6.24 39.77 -7.10
C ARG B 96 -6.97 40.79 -8.00
N GLU B 97 -7.66 40.29 -9.00
CA GLU B 97 -8.41 41.18 -9.88
C GLU B 97 -9.90 41.25 -9.47
N PRO B 98 -10.67 42.19 -10.07
CA PRO B 98 -12.12 42.15 -9.91
C PRO B 98 -12.67 40.80 -10.36
N ILE B 99 -13.71 40.32 -9.67
CA ILE B 99 -14.58 39.28 -10.27
C ILE B 99 -14.92 39.68 -11.73
N MET B 100 -14.77 38.72 -12.64
CA MET B 100 -14.89 38.98 -14.10
C MET B 100 -16.35 38.78 -14.58
N PHE B 101 -16.95 37.65 -14.23
CA PHE B 101 -18.35 37.36 -14.68
C PHE B 101 -19.29 37.01 -13.55
N ALA B 102 -20.53 37.55 -13.59
CA ALA B 102 -21.65 37.10 -12.78
C ALA B 102 -22.85 36.83 -13.70
N PRO B 103 -23.71 35.85 -13.36
CA PRO B 103 -24.88 35.46 -14.17
C PRO B 103 -25.77 36.68 -14.44
N SER B 104 -26.07 37.00 -15.70
CA SER B 104 -26.92 38.18 -15.99
C SER B 104 -27.66 38.08 -17.33
N LEU B 105 -27.47 36.98 -18.04
CA LEU B 105 -28.13 36.77 -19.30
C LEU B 105 -29.02 35.59 -19.12
N GLU B 106 -30.11 35.53 -19.91
CA GLU B 106 -31.09 34.43 -19.77
C GLU B 106 -30.41 33.07 -19.79
N GLN B 107 -29.56 32.84 -20.80
CA GLN B 107 -29.00 31.53 -21.10
C GLN B 107 -27.90 31.08 -20.12
N GLU B 108 -27.53 31.95 -19.18
CA GLU B 108 -26.57 31.62 -18.13
C GLU B 108 -27.14 31.98 -16.77
N LYS B 109 -28.45 32.15 -16.68
CA LYS B 109 -28.98 32.74 -15.44
C LYS B 109 -28.71 31.95 -14.16
N ASP B 110 -28.53 30.63 -14.29
CA ASP B 110 -28.23 29.83 -13.11
C ASP B 110 -26.69 29.56 -12.96
N GLY B 111 -25.88 30.20 -13.79
CA GLY B 111 -24.43 30.10 -13.60
C GLY B 111 -23.60 30.38 -14.83
N VAL B 112 -22.53 31.13 -14.65
CA VAL B 112 -21.53 31.34 -15.72
C VAL B 112 -20.51 30.20 -15.58
N PHE B 113 -20.69 29.16 -16.40
CA PHE B 113 -19.88 27.97 -16.30
C PHE B 113 -18.51 28.16 -17.00
N SER B 114 -17.81 27.05 -17.17
CA SER B 114 -16.38 27.08 -17.49
C SER B 114 -16.21 27.54 -18.91
N GLY B 115 -14.99 28.01 -19.18
CA GLY B 115 -14.71 28.48 -20.53
C GLY B 115 -13.26 28.86 -20.67
N SER B 116 -12.92 29.35 -21.85
CA SER B 116 -11.52 29.48 -22.21
C SER B 116 -11.33 30.87 -22.86
N ALA B 117 -10.09 31.20 -23.20
CA ALA B 117 -9.78 32.49 -23.84
C ALA B 117 -8.73 32.16 -24.89
N VAL B 118 -8.90 32.73 -26.08
CA VAL B 118 -7.97 32.53 -27.17
C VAL B 118 -7.74 33.89 -27.84
N ILE B 119 -6.57 34.04 -28.42
CA ILE B 119 -6.23 35.26 -29.12
C ILE B 119 -6.57 35.12 -30.61
N ASP B 120 -7.41 36.04 -31.11
CA ASP B 120 -7.84 35.98 -32.52
C ASP B 120 -6.80 36.45 -33.53
N ASP B 121 -7.11 36.35 -34.82
CA ASP B 121 -6.15 36.74 -35.89
C ASP B 121 -5.68 38.21 -35.77
N ASN B 122 -6.46 39.07 -35.13
CA ASN B 122 -6.00 40.45 -34.94
C ASN B 122 -5.20 40.67 -33.67
N GLY B 123 -5.00 39.58 -32.92
CA GLY B 123 -4.29 39.66 -31.66
C GLY B 123 -5.17 40.06 -30.49
N ASP B 124 -6.49 40.17 -30.73
CA ASP B 124 -7.43 40.48 -29.65
C ASP B 124 -7.94 39.22 -28.96
N LEU B 125 -8.07 39.26 -27.64
CA LEU B 125 -8.57 38.11 -26.93
C LEU B 125 -10.10 38.02 -27.14
N ARG B 126 -10.61 36.79 -27.17
CA ARG B 126 -12.04 36.45 -27.12
C ARG B 126 -12.27 35.35 -26.05
N PHE B 127 -13.28 35.54 -25.19
CA PHE B 127 -13.72 34.49 -24.31
C PHE B 127 -14.86 33.63 -24.91
N TYR B 128 -14.79 32.34 -24.64
CA TYR B 128 -15.88 31.42 -24.89
C TYR B 128 -16.24 30.74 -23.59
N TYR B 129 -17.53 30.71 -23.25
CA TYR B 129 -17.95 30.04 -21.99
C TYR B 129 -19.36 29.46 -22.09
N THR B 130 -19.64 28.49 -21.24
CA THR B 130 -20.94 27.81 -21.21
C THR B 130 -21.90 28.51 -20.26
N GLY B 131 -23.11 28.82 -20.75
CA GLY B 131 -24.18 29.37 -19.92
C GLY B 131 -25.08 28.26 -19.39
N HIS B 132 -25.37 28.30 -18.10
CA HIS B 132 -26.11 27.24 -17.44
C HIS B 132 -27.50 27.69 -16.94
N ARG B 133 -28.47 26.82 -17.22
CA ARG B 133 -29.84 26.88 -16.70
C ARG B 133 -30.15 25.46 -16.21
N TRP B 134 -31.00 25.34 -15.22
CA TRP B 134 -31.66 24.07 -14.97
C TRP B 134 -32.73 23.79 -16.05
N ALA B 135 -32.77 22.55 -16.52
CA ALA B 135 -33.67 22.18 -17.62
C ALA B 135 -35.14 22.45 -17.27
N ASN B 136 -35.42 22.36 -15.95
CA ASN B 136 -36.76 22.38 -15.42
C ASN B 136 -37.02 23.73 -14.78
N GLY B 137 -36.14 24.68 -15.10
CA GLY B 137 -36.30 26.07 -14.66
C GLY B 137 -35.94 26.34 -13.21
N HIS B 138 -35.63 25.33 -12.39
CA HIS B 138 -35.37 25.65 -10.95
C HIS B 138 -34.28 24.82 -10.28
N ASP B 139 -34.09 23.55 -10.69
CA ASP B 139 -32.95 22.77 -10.16
C ASP B 139 -32.54 21.54 -10.96
N ASN B 140 -31.65 20.80 -10.33
CA ASN B 140 -30.92 19.75 -11.01
C ASN B 140 -31.68 18.44 -11.24
N THR B 141 -32.90 18.33 -10.70
CA THR B 141 -33.56 17.02 -10.69
C THR B 141 -33.97 16.81 -12.13
N GLY B 142 -34.06 17.93 -12.84
CA GLY B 142 -34.46 17.91 -14.24
C GLY B 142 -33.23 17.94 -15.11
N GLY B 143 -32.05 17.96 -14.49
CA GLY B 143 -30.78 18.05 -15.24
C GLY B 143 -30.41 19.46 -15.66
N ASP B 144 -29.37 19.56 -16.51
CA ASP B 144 -28.76 20.79 -16.94
C ASP B 144 -29.35 21.30 -18.28
N TRP B 145 -29.30 22.60 -18.51
CA TRP B 145 -29.62 23.17 -19.81
C TRP B 145 -28.55 24.18 -20.24
N GLN B 146 -27.71 23.82 -21.19
CA GLN B 146 -26.44 24.52 -21.35
C GLN B 146 -26.24 24.92 -22.78
N VAL B 147 -25.72 26.14 -23.00
CA VAL B 147 -25.33 26.62 -24.32
C VAL B 147 -23.98 27.34 -24.27
N GLN B 148 -23.41 27.60 -25.46
CA GLN B 148 -22.11 28.33 -25.60
C GLN B 148 -22.29 29.82 -25.94
N MET B 149 -21.48 30.63 -25.27
CA MET B 149 -21.61 32.07 -25.18
C MET B 149 -20.26 32.62 -25.50
N THR B 150 -20.18 33.90 -25.85
CA THR B 150 -18.86 34.51 -26.11
C THR B 150 -18.84 35.92 -25.53
N ALA B 151 -17.66 36.40 -25.22
CA ALA B 151 -17.51 37.73 -24.63
C ALA B 151 -16.14 38.30 -25.01
N LEU B 152 -16.01 39.63 -24.92
CA LEU B 152 -14.82 40.33 -25.32
C LEU B 152 -14.34 41.16 -24.16
N PRO B 153 -13.01 41.19 -23.90
CA PRO B 153 -12.43 42.09 -22.89
C PRO B 153 -12.72 43.58 -23.16
N ASP B 154 -13.01 44.34 -22.12
CA ASP B 154 -13.11 45.79 -22.20
C ASP B 154 -11.77 46.55 -22.22
N ASN B 155 -10.71 45.93 -21.73
CA ASN B 155 -9.37 46.56 -21.71
C ASN B 155 -8.26 45.49 -21.82
N ASP B 156 -7.04 45.91 -22.09
CA ASP B 156 -5.93 44.97 -22.23
C ASP B 156 -5.62 44.20 -20.92
N GLU B 157 -5.98 44.79 -19.78
CA GLU B 157 -5.72 44.17 -18.46
C GLU B 157 -6.79 43.14 -18.06
N LEU B 158 -7.79 42.94 -18.94
CA LEU B 158 -8.95 42.07 -18.69
C LEU B 158 -9.56 42.29 -17.31
N THR B 159 -9.63 43.53 -16.85
CA THR B 159 -10.27 43.78 -15.55
C THR B 159 -11.79 43.64 -15.69
N SER B 160 -12.29 43.68 -16.94
CA SER B 160 -13.72 43.49 -17.22
C SER B 160 -13.97 43.06 -18.66
N ALA B 161 -15.18 42.62 -18.96
CA ALA B 161 -15.49 42.18 -20.33
C ALA B 161 -16.94 42.48 -20.66
N THR B 162 -17.23 42.57 -21.95
CA THR B 162 -18.61 42.79 -22.46
C THR B 162 -19.16 41.51 -23.06
N LYS B 163 -20.30 41.06 -22.55
CA LYS B 163 -20.89 39.86 -23.08
C LYS B 163 -21.53 40.12 -24.44
N GLN B 164 -21.44 39.14 -25.33
CA GLN B 164 -22.03 39.25 -26.66
C GLN B 164 -23.28 38.37 -26.81
N GLY B 165 -23.41 37.37 -25.96
CA GLY B 165 -24.50 36.43 -26.03
C GLY B 165 -24.17 35.04 -26.54
N MET B 166 -25.25 34.30 -26.78
CA MET B 166 -25.18 32.91 -27.21
C MET B 166 -24.79 32.75 -28.68
N ILE B 167 -23.81 31.88 -28.93
CA ILE B 167 -23.37 31.65 -30.30
C ILE B 167 -23.64 30.25 -30.76
N ILE B 168 -23.79 29.34 -29.81
CA ILE B 168 -24.18 27.96 -30.12
C ILE B 168 -25.23 27.55 -29.09
N ASP B 169 -26.45 27.29 -29.59
CA ASP B 169 -27.57 26.75 -28.82
C ASP B 169 -27.46 25.20 -28.72
N CYS B 170 -28.24 24.60 -27.84
CA CYS B 170 -28.25 23.14 -27.66
C CYS B 170 -29.40 22.43 -28.38
N PRO B 171 -29.09 21.49 -29.29
CA PRO B 171 -30.16 20.76 -29.97
C PRO B 171 -30.64 19.68 -29.01
N THR B 172 -31.51 20.08 -28.09
CA THR B 172 -31.83 19.31 -26.89
C THR B 172 -32.40 17.89 -27.17
N ASP B 173 -32.95 17.75 -28.37
CA ASP B 173 -33.42 16.48 -28.94
C ASP B 173 -32.29 15.46 -29.17
N LYS B 174 -31.07 15.97 -29.37
CA LYS B 174 -29.95 15.14 -29.79
C LYS B 174 -29.03 14.79 -28.60
N VAL B 175 -29.13 15.59 -27.53
CA VAL B 175 -28.20 15.49 -26.41
C VAL B 175 -28.95 15.19 -25.13
N ASP B 176 -28.28 14.50 -24.21
CA ASP B 176 -28.86 14.22 -22.90
C ASP B 176 -28.36 15.26 -21.91
N HIS B 177 -28.81 16.50 -22.10
CA HIS B 177 -28.56 17.60 -21.18
C HIS B 177 -27.11 18.13 -21.24
N HIS B 178 -26.14 17.27 -20.89
CA HIS B 178 -24.75 17.74 -20.76
C HIS B 178 -24.22 18.32 -22.05
N TYR B 179 -23.73 19.56 -22.02
CA TYR B 179 -23.35 20.28 -23.26
C TYR B 179 -22.47 21.48 -22.90
N ARG B 180 -21.21 21.25 -22.51
CA ARG B 180 -20.45 22.31 -21.88
C ARG B 180 -18.92 22.25 -22.09
N ASP B 181 -18.27 23.39 -21.80
CA ASP B 181 -16.83 23.57 -21.56
C ASP B 181 -16.09 23.75 -22.87
N PRO B 182 -16.24 24.94 -23.51
CA PRO B 182 -15.70 25.01 -24.88
C PRO B 182 -14.19 25.35 -24.97
N LYS B 183 -13.54 24.79 -25.99
CA LYS B 183 -12.18 25.17 -26.33
C LYS B 183 -12.09 25.50 -27.83
N VAL B 184 -11.52 26.67 -28.14
CA VAL B 184 -11.39 27.16 -29.51
C VAL B 184 -9.88 27.30 -29.83
N TRP B 185 -9.49 26.86 -31.00
CA TRP B 185 -8.13 27.05 -31.49
C TRP B 185 -8.16 27.08 -33.04
N LYS B 186 -7.05 27.48 -33.63
CA LYS B 186 -6.92 27.49 -35.07
C LYS B 186 -5.98 26.41 -35.55
N THR B 187 -6.38 25.68 -36.60
CA THR B 187 -5.50 24.81 -37.34
C THR B 187 -5.60 25.15 -38.86
N GLY B 188 -4.50 25.60 -39.47
CA GLY B 188 -4.55 26.03 -40.90
C GLY B 188 -5.28 27.37 -41.02
N ASP B 189 -6.17 27.48 -42.01
CA ASP B 189 -6.96 28.70 -42.24
C ASP B 189 -8.27 28.74 -41.42
N THR B 190 -8.49 27.74 -40.54
CA THR B 190 -9.82 27.51 -39.98
C THR B 190 -9.77 27.43 -38.46
N TRP B 191 -10.78 28.02 -37.83
CA TRP B 191 -11.00 27.96 -36.38
C TRP B 191 -11.90 26.80 -36.00
N TYR B 192 -11.50 26.10 -34.94
CA TYR B 192 -12.28 24.98 -34.52
C TYR B 192 -12.77 25.15 -33.11
N MET B 193 -13.83 24.44 -32.76
CA MET B 193 -14.29 24.44 -31.38
C MET B 193 -14.62 23.04 -30.96
N THR B 194 -14.27 22.67 -29.72
CA THR B 194 -14.79 21.45 -29.18
C THR B 194 -15.40 21.72 -27.79
N PHE B 195 -16.38 20.90 -27.43
CA PHE B 195 -16.93 20.87 -26.06
C PHE B 195 -17.54 19.52 -25.79
N GLY B 196 -17.91 19.28 -24.53
CA GLY B 196 -18.28 17.96 -24.09
C GLY B 196 -19.77 17.79 -24.19
N VAL B 197 -20.20 16.60 -24.60
CA VAL B 197 -21.60 16.31 -24.83
C VAL B 197 -21.94 14.92 -24.30
N SER B 198 -23.12 14.77 -23.72
CA SER B 198 -23.62 13.43 -23.51
C SER B 198 -24.62 13.19 -24.65
N SER B 199 -24.38 12.17 -25.48
CA SER B 199 -25.24 11.89 -26.60
C SER B 199 -26.64 11.49 -26.11
N ALA B 200 -27.59 11.41 -27.04
CA ALA B 200 -28.94 10.90 -26.73
C ALA B 200 -28.85 9.53 -26.05
N ASP B 201 -28.00 8.65 -26.59
CA ASP B 201 -27.74 7.33 -26.03
C ASP B 201 -26.71 7.35 -24.91
N LYS B 202 -26.49 8.53 -24.34
CA LYS B 202 -25.76 8.69 -23.08
C LYS B 202 -24.28 8.32 -23.17
N ARG B 203 -23.70 8.51 -24.34
CA ARG B 203 -22.29 8.28 -24.57
C ARG B 203 -21.57 9.61 -24.47
N GLY B 204 -20.42 9.61 -23.79
CA GLY B 204 -19.65 10.84 -23.60
C GLY B 204 -18.97 11.16 -24.91
N GLN B 205 -19.09 12.40 -25.35
CA GLN B 205 -18.63 12.76 -26.69
C GLN B 205 -17.98 14.11 -26.64
N MET B 206 -17.20 14.41 -27.65
CA MET B 206 -16.73 15.76 -27.86
C MET B 206 -17.13 16.13 -29.30
N TRP B 207 -17.70 17.32 -29.47
CA TRP B 207 -18.17 17.75 -30.78
C TRP B 207 -17.22 18.76 -31.36
N LEU B 208 -17.20 18.85 -32.69
CA LEU B 208 -16.32 19.72 -33.40
C LEU B 208 -17.17 20.63 -34.26
N PHE B 209 -16.91 21.92 -34.11
CA PHE B 209 -17.54 22.98 -34.90
C PHE B 209 -16.41 23.75 -35.58
N SER B 210 -16.73 24.42 -36.67
CA SER B 210 -15.77 25.26 -37.35
C SER B 210 -16.28 26.67 -37.60
N SER B 211 -15.34 27.58 -37.80
CA SER B 211 -15.65 28.98 -38.04
C SER B 211 -14.50 29.64 -38.75
N LYS B 212 -14.81 30.69 -39.53
CA LYS B 212 -13.80 31.46 -40.21
C LYS B 212 -13.77 32.87 -39.61
N ASP B 213 -14.78 33.24 -38.82
CA ASP B 213 -14.82 34.57 -38.20
C ASP B 213 -14.93 34.55 -36.68
N MET B 214 -15.09 33.34 -36.13
CA MET B 214 -15.02 33.09 -34.66
C MET B 214 -16.30 33.27 -33.90
N VAL B 215 -17.27 33.86 -34.56
CA VAL B 215 -18.56 34.19 -33.94
C VAL B 215 -19.66 33.30 -34.52
N ARG B 216 -19.58 33.03 -35.84
CA ARG B 216 -20.49 32.11 -36.49
CA ARG B 216 -20.50 32.11 -36.50
C ARG B 216 -19.92 30.72 -36.60
N TRP B 217 -20.62 29.75 -36.04
CA TRP B 217 -20.08 28.37 -36.01
C TRP B 217 -20.89 27.38 -36.82
N GLU B 218 -20.24 26.30 -37.24
CA GLU B 218 -20.86 25.32 -38.10
C GLU B 218 -20.48 23.94 -37.64
N TYR B 219 -21.49 23.08 -37.44
CA TYR B 219 -21.24 21.73 -37.00
C TYR B 219 -20.46 20.94 -38.04
N GLU B 220 -19.42 20.23 -37.58
CA GLU B 220 -18.66 19.38 -38.50
C GLU B 220 -18.96 17.91 -38.24
N ARG B 221 -18.65 17.44 -37.03
CA ARG B 221 -18.77 16.03 -36.71
C ARG B 221 -18.59 15.80 -35.20
N VAL B 222 -18.74 14.55 -34.76
CA VAL B 222 -18.27 14.11 -33.44
C VAL B 222 -16.75 13.81 -33.57
N LEU B 223 -15.97 14.62 -32.86
CA LEU B 223 -14.50 14.53 -32.83
C LEU B 223 -14.05 13.22 -32.17
N PHE B 224 -14.76 12.86 -31.12
CA PHE B 224 -14.39 11.68 -30.32
C PHE B 224 -15.54 11.15 -29.47
N GLN B 225 -15.67 9.84 -29.38
CA GLN B 225 -16.63 9.22 -28.46
C GLN B 225 -15.88 8.28 -27.51
N HIS B 226 -16.10 8.42 -26.21
CA HIS B 226 -15.40 7.61 -25.24
C HIS B 226 -15.79 6.15 -25.35
N PRO B 227 -14.80 5.24 -25.54
CA PRO B 227 -15.09 3.83 -25.87
C PRO B 227 -15.66 3.01 -24.72
N ASP B 228 -15.70 3.59 -23.52
CA ASP B 228 -16.28 2.94 -22.36
C ASP B 228 -17.70 3.48 -22.18
N PRO B 229 -18.73 2.64 -22.45
CA PRO B 229 -20.16 2.98 -22.33
C PRO B 229 -20.55 3.48 -20.95
N ASP B 230 -19.79 3.10 -19.93
CA ASP B 230 -20.02 3.63 -18.59
C ASP B 230 -19.81 5.15 -18.58
N VAL B 231 -18.99 5.67 -19.52
CA VAL B 231 -18.64 7.09 -19.45
C VAL B 231 -19.69 7.84 -20.26
N PHE B 232 -20.52 8.58 -19.54
CA PHE B 232 -21.64 9.34 -20.11
C PHE B 232 -21.30 10.78 -20.55
N MET B 233 -20.16 11.33 -20.13
CA MET B 233 -19.95 12.74 -20.36
C MET B 233 -18.47 13.00 -20.22
N LEU B 234 -17.98 13.89 -21.07
CA LEU B 234 -16.60 14.28 -21.08
C LEU B 234 -16.52 15.77 -20.79
N GLU B 235 -16.34 16.16 -19.54
CA GLU B 235 -16.25 17.59 -19.18
C GLU B 235 -14.85 18.17 -19.45
N CYS B 236 -14.78 19.49 -19.58
CA CYS B 236 -13.51 20.24 -19.69
C CYS B 236 -12.55 19.61 -20.72
N PRO B 237 -13.06 19.33 -21.94
CA PRO B 237 -12.26 18.64 -22.94
C PRO B 237 -11.07 19.51 -23.32
N ASP B 238 -9.95 18.87 -23.66
CA ASP B 238 -8.79 19.61 -24.12
C ASP B 238 -8.39 18.95 -25.42
N PHE B 239 -7.68 19.68 -26.27
CA PHE B 239 -7.25 19.13 -27.57
C PHE B 239 -6.12 20.04 -28.04
N SER B 240 -4.89 19.53 -28.01
CA SER B 240 -3.74 20.35 -28.37
CA SER B 240 -3.75 20.35 -28.38
C SER B 240 -2.61 19.52 -29.01
N PRO B 241 -1.87 20.12 -29.96
CA PRO B 241 -0.73 19.45 -30.56
C PRO B 241 0.51 19.62 -29.68
N ILE B 242 1.23 18.52 -29.43
CA ILE B 242 2.44 18.54 -28.62
C ILE B 242 3.63 18.01 -29.41
N LYS B 243 4.68 18.81 -29.47
CA LYS B 243 5.87 18.44 -30.24
C LYS B 243 6.76 17.49 -29.44
N ASP B 244 7.37 16.49 -30.09
CA ASP B 244 8.56 15.83 -29.48
C ASP B 244 9.80 16.63 -29.83
N LYS B 245 10.99 16.13 -29.42
CA LYS B 245 12.27 16.79 -29.74
C LYS B 245 12.76 16.32 -31.12
N ASP B 246 11.92 15.45 -31.70
CA ASP B 246 12.15 14.76 -32.95
C ASP B 246 11.54 15.59 -34.08
N GLY B 247 10.68 16.54 -33.70
CA GLY B 247 10.09 17.46 -34.67
C GLY B 247 8.72 17.01 -35.18
N ASN B 248 8.10 16.06 -34.49
CA ASN B 248 6.73 15.68 -34.83
C ASN B 248 5.77 16.19 -33.81
N GLU B 249 4.53 16.42 -34.24
CA GLU B 249 3.44 16.78 -33.38
C GLU B 249 2.56 15.57 -33.19
N LYS B 250 2.07 15.40 -31.96
CA LYS B 250 1.00 14.44 -31.71
C LYS B 250 -0.14 15.25 -31.17
N TRP B 251 -1.36 14.78 -31.37
CA TRP B 251 -2.46 15.47 -30.73
C TRP B 251 -2.84 14.73 -29.45
N VAL B 252 -2.95 15.51 -28.37
CA VAL B 252 -3.23 14.96 -27.07
C VAL B 252 -4.65 15.42 -26.77
N ILE B 253 -5.57 14.46 -26.72
CA ILE B 253 -6.93 14.80 -26.37
C ILE B 253 -7.04 14.66 -24.85
N GLY B 254 -7.76 15.57 -24.21
CA GLY B 254 -7.92 15.47 -22.74
C GLY B 254 -9.37 15.60 -22.37
N PHE B 255 -9.75 14.99 -21.25
CA PHE B 255 -11.13 15.15 -20.83
C PHE B 255 -11.22 14.84 -19.35
N SER B 256 -12.22 15.44 -18.72
CA SER B 256 -12.55 15.15 -17.31
C SER B 256 -13.76 14.21 -17.43
N ALA B 257 -13.54 12.92 -17.21
CA ALA B 257 -14.56 11.91 -17.51
C ALA B 257 -15.42 11.45 -16.33
N MET B 258 -16.73 11.48 -16.59
CA MET B 258 -17.76 11.04 -15.64
C MET B 258 -18.37 9.68 -16.02
N GLY B 259 -18.43 8.74 -15.08
CA GLY B 259 -19.07 7.43 -15.32
C GLY B 259 -18.18 6.18 -15.27
N SER B 260 -16.86 6.38 -15.36
CA SER B 260 -15.92 5.29 -15.34
C SER B 260 -15.98 4.64 -13.95
N LYS B 261 -15.87 3.32 -13.92
CA LYS B 261 -15.75 2.64 -12.62
C LYS B 261 -14.24 2.44 -12.26
N PRO B 262 -13.90 2.56 -10.98
CA PRO B 262 -12.51 2.30 -10.53
C PRO B 262 -12.09 0.89 -10.85
N SER B 263 -10.82 0.71 -11.12
CA SER B 263 -10.32 -0.59 -11.43
C SER B 263 -8.86 -0.64 -11.04
N GLY B 264 -8.52 -1.50 -10.06
CA GLY B 264 -7.17 -1.56 -9.51
C GLY B 264 -6.76 -0.18 -8.99
N PHE B 265 -5.65 0.33 -9.52
CA PHE B 265 -5.22 1.66 -9.15
C PHE B 265 -5.80 2.77 -10.03
N MET B 266 -6.63 2.42 -11.00
CA MET B 266 -7.05 3.35 -12.09
C MET B 266 -8.43 3.95 -11.82
N ASN B 267 -8.60 5.25 -12.12
CA ASN B 267 -9.93 5.85 -12.04
C ASN B 267 -10.57 5.79 -10.65
N ARG B 268 -9.78 6.07 -9.63
CA ARG B 268 -10.26 5.90 -8.26
C ARG B 268 -11.14 7.02 -7.76
N ASN B 269 -11.03 8.21 -8.36
CA ASN B 269 -11.78 9.38 -7.86
C ASN B 269 -13.25 9.38 -8.40
N VAL B 270 -14.11 10.14 -7.76
CA VAL B 270 -15.54 10.29 -8.19
C VAL B 270 -15.66 10.48 -9.72
N SER B 271 -14.85 11.41 -10.26
CA SER B 271 -14.67 11.56 -11.72
C SER B 271 -13.17 11.71 -11.94
N ASN B 272 -12.71 11.51 -13.18
CA ASN B 272 -11.25 11.38 -13.37
C ASN B 272 -10.86 11.99 -14.71
N ALA B 273 -9.81 12.82 -14.69
CA ALA B 273 -9.35 13.50 -15.90
C ALA B 273 -8.17 12.79 -16.49
N GLY B 274 -8.15 12.65 -17.81
CA GLY B 274 -6.93 12.15 -18.42
C GLY B 274 -6.84 12.42 -19.90
N TYR B 275 -6.02 11.63 -20.55
CA TYR B 275 -5.63 11.91 -21.95
C TYR B 275 -5.42 10.69 -22.78
N MET B 276 -5.44 10.87 -24.10
CA MET B 276 -4.96 9.88 -25.04
C MET B 276 -4.15 10.65 -26.02
N ILE B 277 -3.14 10.00 -26.57
CA ILE B 277 -2.27 10.56 -27.61
C ILE B 277 -2.59 9.84 -28.93
N GLY B 278 -2.63 10.60 -30.02
CA GLY B 278 -2.91 10.02 -31.32
C GLY B 278 -2.79 11.09 -32.38
N THR B 279 -3.51 10.89 -33.49
CA THR B 279 -3.40 11.75 -34.66
C THR B 279 -4.75 12.41 -35.03
N TRP B 280 -4.66 13.52 -35.77
CA TRP B 280 -5.85 14.28 -36.25
C TRP B 280 -5.61 15.13 -37.52
N GLU B 281 -6.45 14.92 -38.52
CA GLU B 281 -6.40 15.76 -39.73
C GLU B 281 -7.57 16.73 -39.57
N PRO B 282 -7.36 18.01 -39.86
CA PRO B 282 -8.38 18.99 -39.51
C PRO B 282 -9.77 18.69 -40.08
N GLY B 283 -10.79 18.64 -39.22
CA GLY B 283 -12.19 18.33 -39.62
C GLY B 283 -12.65 16.89 -39.35
N GLY B 284 -11.66 16.03 -39.06
CA GLY B 284 -11.85 14.59 -38.99
C GLY B 284 -12.01 14.17 -37.53
N GLU B 285 -12.08 12.87 -37.30
CA GLU B 285 -12.21 12.42 -35.94
C GLU B 285 -10.83 12.13 -35.34
N PHE B 286 -10.73 12.19 -34.02
CA PHE B 286 -9.47 11.90 -33.35
C PHE B 286 -9.18 10.41 -33.48
N LYS B 287 -7.95 10.06 -33.88
CA LYS B 287 -7.55 8.65 -33.84
C LYS B 287 -6.52 8.36 -32.71
N PRO B 288 -6.98 7.76 -31.60
CA PRO B 288 -6.14 7.50 -30.41
C PRO B 288 -5.15 6.40 -30.74
N GLU B 289 -3.93 6.60 -30.25
CA GLU B 289 -2.86 5.64 -30.39
C GLU B 289 -2.42 5.05 -29.07
N THR B 290 -2.92 5.64 -27.98
CA THR B 290 -2.70 5.14 -26.63
C THR B 290 -4.04 4.85 -25.92
N GLU B 291 -3.96 4.03 -24.87
CA GLU B 291 -5.08 3.90 -23.92
C GLU B 291 -5.18 5.15 -23.03
N PHE B 292 -6.31 5.30 -22.34
CA PHE B 292 -6.52 6.39 -21.40
C PHE B 292 -5.47 6.31 -20.29
N ARG B 293 -4.91 7.47 -19.97
CA ARG B 293 -3.96 7.65 -18.86
C ARG B 293 -4.34 8.88 -18.06
N LEU B 294 -4.20 8.80 -16.75
CA LEU B 294 -4.48 9.99 -15.91
C LEU B 294 -3.47 11.13 -16.10
N TRP B 295 -3.97 12.38 -16.16
CA TRP B 295 -3.11 13.56 -16.00
C TRP B 295 -2.35 13.53 -14.65
N ASP B 296 -3.07 13.17 -13.59
CA ASP B 296 -2.58 13.28 -12.20
C ASP B 296 -3.16 12.11 -11.40
N CYS B 297 -2.31 11.38 -10.67
CA CYS B 297 -2.70 10.14 -10.05
C CYS B 297 -3.14 10.33 -8.61
N GLY B 298 -3.18 11.56 -8.12
CA GLY B 298 -3.47 11.85 -6.71
C GLY B 298 -4.93 11.86 -6.33
N HIS B 299 -5.20 12.26 -5.09
CA HIS B 299 -6.55 12.23 -4.54
C HIS B 299 -7.45 13.35 -5.10
N ASN B 300 -6.84 14.49 -5.41
CA ASN B 300 -7.60 15.74 -5.58
C ASN B 300 -7.13 16.50 -6.81
N TYR B 301 -7.72 16.17 -7.93
CA TYR B 301 -7.32 16.81 -9.18
C TYR B 301 -8.44 16.56 -10.17
N TYR B 302 -8.88 17.62 -10.81
CA TYR B 302 -9.95 17.54 -11.80
C TYR B 302 -9.97 18.77 -12.70
N ALA B 303 -10.72 18.66 -13.79
CA ALA B 303 -10.98 19.80 -14.67
C ALA B 303 -9.75 20.63 -15.14
N PRO B 304 -8.65 19.95 -15.57
CA PRO B 304 -7.55 20.72 -16.09
C PRO B 304 -7.92 21.50 -17.36
N GLN B 305 -7.35 22.68 -17.47
CA GLN B 305 -7.44 23.44 -18.71
C GLN B 305 -5.99 23.77 -19.13
N SER B 306 -5.66 23.70 -20.42
CA SER B 306 -4.34 24.11 -20.86
C SER B 306 -4.50 25.25 -21.87
N PHE B 307 -3.42 26.02 -22.04
CA PHE B 307 -3.36 27.11 -23.02
C PHE B 307 -1.97 27.11 -23.67
N ASN B 308 -1.86 27.78 -24.82
CA ASN B 308 -0.64 27.84 -25.57
C ASN B 308 -0.08 29.25 -25.57
N VAL B 309 1.23 29.38 -25.30
CA VAL B 309 1.95 30.62 -25.42
C VAL B 309 3.34 30.27 -26.03
N ASP B 310 3.64 30.80 -27.19
CA ASP B 310 5.03 30.75 -27.70
C ASP B 310 5.58 29.33 -27.80
N GLY B 311 4.74 28.38 -28.18
CA GLY B 311 5.17 27.00 -28.32
C GLY B 311 5.16 26.20 -27.03
N ARG B 312 4.68 26.78 -25.94
CA ARG B 312 4.55 26.10 -24.66
C ARG B 312 3.05 25.80 -24.46
N GLN B 313 2.76 24.63 -23.97
CA GLN B 313 1.43 24.27 -23.55
C GLN B 313 1.42 24.09 -22.03
N ILE B 314 0.71 24.99 -21.37
CA ILE B 314 0.73 25.06 -19.90
C ILE B 314 -0.62 24.63 -19.36
N VAL B 315 -0.65 23.90 -18.24
CA VAL B 315 -1.89 23.33 -17.74
C VAL B 315 -2.02 23.59 -16.24
N TYR B 316 -3.23 23.98 -15.83
CA TYR B 316 -3.59 24.02 -14.41
C TYR B 316 -4.70 23.05 -14.16
N GLY B 317 -4.69 22.43 -12.97
CA GLY B 317 -5.84 21.63 -12.52
C GLY B 317 -6.48 22.23 -11.29
N TRP B 318 -7.76 21.90 -11.07
CA TRP B 318 -8.38 22.27 -9.80
C TRP B 318 -8.14 21.08 -8.87
N MET B 319 -7.71 21.35 -7.64
CA MET B 319 -7.64 20.27 -6.62
C MET B 319 -9.02 20.09 -6.02
N SER B 320 -9.74 19.09 -6.55
CA SER B 320 -11.14 18.87 -6.35
C SER B 320 -11.35 18.02 -5.09
N PRO B 321 -12.08 18.55 -4.10
CA PRO B 321 -12.47 17.78 -2.95
C PRO B 321 -13.87 17.15 -3.19
N PHE B 322 -13.88 15.92 -3.71
CA PHE B 322 -15.15 15.25 -3.99
C PHE B 322 -15.68 14.37 -2.81
N VAL B 323 -14.84 14.16 -1.81
CA VAL B 323 -15.10 13.13 -0.78
C VAL B 323 -15.14 13.76 0.62
N GLN B 324 -16.23 13.52 1.37
CA GLN B 324 -16.36 13.96 2.77
C GLN B 324 -15.43 13.20 3.72
N PRO B 325 -14.98 13.85 4.80
CA PRO B 325 -15.16 15.26 5.15
C PRO B 325 -14.18 16.20 4.45
N ILE B 326 -14.59 17.47 4.26
CA ILE B 326 -13.77 18.52 3.59
C ILE B 326 -13.59 19.63 4.66
N PRO B 327 -12.61 19.46 5.57
CA PRO B 327 -12.41 20.31 6.72
C PRO B 327 -12.17 21.79 6.34
N MET B 328 -11.54 22.06 5.20
CA MET B 328 -11.25 23.47 4.86
C MET B 328 -12.56 24.28 4.61
N GLU B 329 -13.66 23.61 4.30
CA GLU B 329 -14.88 24.33 3.97
C GLU B 329 -15.47 25.11 5.16
N ASP B 330 -15.01 24.81 6.38
CA ASP B 330 -15.42 25.54 7.57
C ASP B 330 -14.57 26.81 7.75
N ASP B 331 -13.60 27.06 6.85
CA ASP B 331 -12.57 28.09 7.08
C ASP B 331 -12.68 29.36 6.20
N GLY B 332 -13.83 29.55 5.54
CA GLY B 332 -14.08 30.73 4.67
C GLY B 332 -13.56 30.65 3.23
N TRP B 333 -13.08 29.47 2.83
CA TRP B 333 -12.59 29.21 1.46
C TRP B 333 -12.75 27.71 1.19
N CYS B 334 -12.62 27.32 -0.07
CA CYS B 334 -12.53 25.86 -0.37
C CYS B 334 -11.97 25.70 -1.73
N GLY B 335 -10.86 24.96 -1.84
CA GLY B 335 -10.32 24.64 -3.17
C GLY B 335 -9.17 25.51 -3.57
N GLN B 336 -8.23 24.89 -4.25
CA GLN B 336 -7.08 25.61 -4.78
C GLN B 336 -6.74 24.97 -6.10
N LEU B 337 -5.97 25.70 -6.90
CA LEU B 337 -5.43 25.13 -8.12
C LEU B 337 -4.07 24.47 -7.86
N THR B 338 -3.61 23.63 -8.79
CA THR B 338 -2.25 23.05 -8.77
C THR B 338 -1.27 24.15 -9.19
N LEU B 339 0.02 23.89 -9.09
CA LEU B 339 1.03 24.72 -9.75
C LEU B 339 0.77 24.57 -11.26
N PRO B 340 1.16 25.57 -12.03
CA PRO B 340 1.18 25.45 -13.48
C PRO B 340 2.22 24.44 -13.94
N ARG B 341 1.86 23.58 -14.89
CA ARG B 341 2.73 22.52 -15.40
C ARG B 341 2.86 22.72 -16.90
N GLU B 342 4.01 22.30 -17.43
CA GLU B 342 4.25 22.33 -18.89
C GLU B 342 4.03 20.95 -19.46
N ILE B 343 3.30 20.85 -20.58
CA ILE B 343 3.04 19.56 -21.20
C ILE B 343 4.12 19.33 -22.23
N THR B 344 4.81 18.21 -22.10
CA THR B 344 5.78 17.86 -23.13
C THR B 344 5.56 16.38 -23.37
N LEU B 345 6.24 15.81 -24.36
CA LEU B 345 6.30 14.36 -24.56
C LEU B 345 7.68 13.87 -24.15
N GLY B 346 7.73 12.78 -23.39
CA GLY B 346 9.00 12.25 -22.89
C GLY B 346 9.60 11.24 -23.84
N ASP B 347 10.61 10.53 -23.35
CA ASP B 347 11.42 9.72 -24.25
C ASP B 347 10.67 8.48 -24.69
N ASP B 348 9.77 8.02 -23.83
CA ASP B 348 8.91 6.87 -24.14
C ASP B 348 7.67 7.28 -24.97
N GLY B 349 7.57 8.56 -25.33
CA GLY B 349 6.41 9.06 -26.09
C GLY B 349 5.18 9.36 -25.22
N ASP B 350 5.33 9.29 -23.91
CA ASP B 350 4.21 9.58 -23.05
C ASP B 350 4.24 11.04 -22.62
N VAL B 351 3.07 11.59 -22.26
CA VAL B 351 2.97 12.92 -21.68
C VAL B 351 3.75 13.10 -20.39
N VAL B 352 4.44 14.24 -20.27
CA VAL B 352 5.19 14.61 -19.05
C VAL B 352 4.64 15.95 -18.63
N THR B 353 4.40 16.16 -17.34
CA THR B 353 3.93 17.47 -16.96
C THR B 353 4.78 17.98 -15.80
N ALA B 354 5.99 18.46 -16.10
CA ALA B 354 6.81 19.08 -15.07
C ALA B 354 6.18 20.39 -14.59
N PRO B 355 6.49 20.84 -13.36
CA PRO B 355 6.18 22.26 -13.12
C PRO B 355 6.86 23.18 -14.16
N VAL B 356 6.17 24.27 -14.53
CA VAL B 356 6.81 25.25 -15.42
C VAL B 356 8.13 25.72 -14.78
N ALA B 357 9.08 26.08 -15.63
CA ALA B 357 10.41 26.54 -15.15
C ALA B 357 10.40 27.75 -14.23
N GLU B 358 9.39 28.60 -14.40
CA GLU B 358 9.22 29.76 -13.55
C GLU B 358 9.04 29.33 -12.07
N MET B 359 8.60 28.09 -11.83
CA MET B 359 8.40 27.67 -10.39
C MET B 359 9.72 27.63 -9.59
N GLU B 360 10.86 27.55 -10.28
CA GLU B 360 12.13 27.63 -9.58
C GLU B 360 12.18 28.96 -8.84
N GLY B 361 11.50 29.97 -9.37
CA GLY B 361 11.54 31.30 -8.71
C GLY B 361 10.81 31.38 -7.37
N LEU B 362 10.12 30.32 -6.95
CA LEU B 362 9.48 30.25 -5.61
C LEU B 362 10.49 30.05 -4.46
N ARG B 363 11.67 29.59 -4.80
CA ARG B 363 12.62 29.15 -3.77
C ARG B 363 13.25 30.37 -3.12
N GLU B 364 13.10 30.48 -1.80
CA GLU B 364 13.76 31.51 -1.00
C GLU B 364 15.21 31.18 -0.68
N ASP B 365 15.54 29.89 -0.61
CA ASP B 365 16.83 29.43 -0.12
C ASP B 365 17.00 27.99 -0.61
N THR B 366 18.13 27.36 -0.26
CA THR B 366 18.33 25.96 -0.54
C THR B 366 19.10 25.43 0.63
N LEU B 367 18.54 24.43 1.28
CA LEU B 367 19.18 23.70 2.35
C LEU B 367 19.57 22.37 1.72
N ASP B 368 20.85 22.28 1.34
CA ASP B 368 21.36 21.12 0.65
C ASP B 368 21.90 20.13 1.63
N HIS B 369 21.21 18.99 1.74
CA HIS B 369 21.66 17.93 2.60
C HIS B 369 22.79 17.04 2.02
N GLY B 370 23.11 17.20 0.73
CA GLY B 370 23.99 16.26 0.01
C GLY B 370 23.36 14.89 -0.10
N SER B 371 24.19 13.87 -0.02
CA SER B 371 23.67 12.51 -0.12
C SER B 371 23.43 12.06 1.30
N VAL B 372 22.38 11.27 1.48
CA VAL B 372 21.96 10.83 2.82
C VAL B 372 21.73 9.33 2.70
N THR B 373 22.23 8.54 3.65
CA THR B 373 22.05 7.09 3.69
CA THR B 373 21.98 7.12 3.68
C THR B 373 21.31 6.72 5.00
N LEU B 374 20.23 5.93 4.90
CA LEU B 374 19.71 5.25 6.09
C LEU B 374 20.17 3.80 5.93
N ASP B 375 20.89 3.23 6.90
CA ASP B 375 21.47 1.89 6.70
C ASP B 375 20.45 0.75 6.82
N MET B 376 19.30 1.11 7.39
CA MET B 376 18.24 0.14 7.75
C MET B 376 17.02 0.97 8.10
N ASP B 377 15.94 0.25 8.44
CA ASP B 377 14.69 0.86 8.78
C ASP B 377 14.93 2.02 9.78
N GLY B 378 14.38 3.19 9.47
CA GLY B 378 14.53 4.35 10.35
C GLY B 378 13.99 5.63 9.72
N GLU B 379 14.18 6.74 10.42
CA GLU B 379 13.67 8.03 9.96
C GLU B 379 14.70 9.09 10.35
N GLN B 380 14.83 10.15 9.54
CA GLN B 380 15.67 11.27 9.91
C GLN B 380 14.78 12.50 9.79
N ILE B 381 14.97 13.48 10.66
CA ILE B 381 14.17 14.68 10.58
C ILE B 381 14.84 15.68 9.61
N ILE B 382 14.04 16.17 8.66
CA ILE B 382 14.44 17.08 7.58
C ILE B 382 13.97 18.49 8.03
N ALA B 383 12.80 18.55 8.69
CA ALA B 383 12.27 19.82 9.19
C ALA B 383 11.44 19.53 10.42
N ASP B 384 11.37 20.48 11.34
CA ASP B 384 10.47 20.27 12.48
CA ASP B 384 10.48 20.33 12.51
C ASP B 384 9.14 21.04 12.31
N ASP B 385 9.12 22.03 11.43
CA ASP B 385 7.92 22.81 11.18
C ASP B 385 7.92 23.43 9.80
N ALA B 386 7.59 22.60 8.82
CA ALA B 386 7.52 23.00 7.41
C ALA B 386 6.08 23.34 6.99
N GLU B 387 5.84 24.63 6.79
CA GLU B 387 4.55 25.21 6.43
C GLU B 387 4.43 25.17 4.89
N ALA B 388 5.48 25.63 4.21
CA ALA B 388 5.48 25.70 2.73
C ALA B 388 6.88 25.53 2.15
N VAL B 389 7.15 24.35 1.59
CA VAL B 389 8.52 23.98 1.25
C VAL B 389 8.46 23.08 0.05
N GLU B 390 9.59 23.00 -0.66
CA GLU B 390 9.78 22.08 -1.77
C GLU B 390 10.94 21.14 -1.39
N ILE B 391 10.74 19.84 -1.52
CA ILE B 391 11.83 18.87 -1.28
C ILE B 391 12.18 18.23 -2.63
N GLU B 392 13.43 18.30 -3.00
CA GLU B 392 13.90 17.59 -4.14
C GLU B 392 14.77 16.46 -3.69
N MET B 393 14.49 15.26 -4.16
CA MET B 393 15.34 14.16 -3.78
C MET B 393 15.50 13.14 -4.90
N THR B 394 16.72 12.60 -5.01
CA THR B 394 16.98 11.54 -5.97
C THR B 394 17.35 10.27 -5.21
N ILE B 395 16.52 9.24 -5.34
CA ILE B 395 16.73 7.95 -4.71
C ILE B 395 17.56 7.03 -5.57
N ASP B 396 18.53 6.37 -4.94
CA ASP B 396 19.35 5.43 -5.65
C ASP B 396 18.62 4.08 -5.55
N LEU B 397 17.82 3.77 -6.57
CA LEU B 397 17.01 2.55 -6.58
C LEU B 397 17.88 1.33 -6.66
N ALA B 398 18.98 1.45 -7.38
CA ALA B 398 19.88 0.33 -7.47
C ALA B 398 20.43 -0.11 -6.11
N ALA B 399 20.77 0.81 -5.22
CA ALA B 399 21.41 0.44 -3.95
C ALA B 399 20.45 0.28 -2.73
N SER B 400 19.24 0.84 -2.80
CA SER B 400 18.35 0.92 -1.62
C SER B 400 17.64 -0.44 -1.50
N THR B 401 17.76 -1.09 -0.33
CA THR B 401 17.03 -2.35 -0.18
C THR B 401 15.64 -2.14 0.49
N ALA B 402 15.35 -0.92 0.96
CA ALA B 402 14.07 -0.60 1.57
C ALA B 402 12.89 -1.05 0.72
N GLU B 403 11.86 -1.58 1.37
CA GLU B 403 10.70 -2.05 0.64
C GLU B 403 9.83 -0.92 0.28
N ARG B 404 9.90 0.15 1.07
CA ARG B 404 9.07 1.33 0.86
C ARG B 404 9.81 2.46 1.53
N ALA B 405 9.84 3.65 0.93
CA ALA B 405 10.68 4.72 1.47
C ALA B 405 10.28 6.06 0.88
N GLY B 406 10.44 7.12 1.64
CA GLY B 406 10.17 8.41 1.08
C GLY B 406 10.10 9.41 2.18
N LEU B 407 9.05 10.25 2.15
CA LEU B 407 8.89 11.41 3.07
C LEU B 407 7.56 11.37 3.78
N LYS B 408 7.59 11.53 5.09
CA LYS B 408 6.35 11.83 5.81
C LYS B 408 6.31 13.34 5.95
N ILE B 409 5.23 13.94 5.49
CA ILE B 409 5.07 15.39 5.58
C ILE B 409 3.87 15.69 6.48
N HIS B 410 3.71 16.94 6.90
CA HIS B 410 2.67 17.30 7.87
C HIS B 410 2.72 16.37 9.09
N ALA B 411 3.93 16.05 9.56
CA ALA B 411 4.08 15.03 10.55
C ALA B 411 4.04 15.69 11.89
N THR B 412 2.87 15.66 12.50
CA THR B 412 2.55 16.45 13.67
C THR B 412 2.71 15.70 14.99
N GLU B 413 2.60 16.41 16.10
CA GLU B 413 2.92 15.82 17.40
C GLU B 413 1.95 14.73 17.84
N ASP B 414 0.77 14.71 17.27
CA ASP B 414 -0.24 13.65 17.53
C ASP B 414 0.07 12.33 16.75
N GLY B 415 1.15 12.31 15.98
CA GLY B 415 1.46 11.12 15.24
C GLY B 415 0.83 11.05 13.87
N ALA B 416 0.01 12.05 13.51
CA ALA B 416 -0.52 12.06 12.14
C ALA B 416 0.54 12.47 11.12
N TYR B 417 0.36 12.04 9.88
CA TYR B 417 1.24 12.46 8.75
C TYR B 417 0.63 12.01 7.44
N THR B 418 1.15 12.56 6.34
CA THR B 418 0.84 12.05 5.03
C THR B 418 2.15 11.49 4.48
N TYR B 419 2.11 10.31 3.86
CA TYR B 419 3.35 9.65 3.46
C TYR B 419 3.48 9.68 1.94
N VAL B 420 4.61 10.18 1.47
CA VAL B 420 4.95 10.11 0.05
C VAL B 420 6.07 9.08 -0.10
N ALA B 421 5.78 7.98 -0.80
CA ALA B 421 6.72 6.87 -0.80
C ALA B 421 6.82 6.16 -2.12
N TYR B 422 8.02 5.72 -2.45
CA TYR B 422 8.20 4.66 -3.43
C TYR B 422 7.87 3.31 -2.80
N ASP B 423 7.04 2.50 -3.47
CA ASP B 423 6.61 1.20 -2.88
C ASP B 423 7.11 0.11 -3.80
N GLY B 424 8.10 -0.64 -3.33
CA GLY B 424 8.82 -1.60 -4.17
C GLY B 424 8.04 -2.89 -4.46
N GLN B 425 6.96 -3.15 -3.72
CA GLN B 425 6.16 -4.35 -4.01
C GLN B 425 5.22 -4.15 -5.19
N ILE B 426 4.74 -2.91 -5.34
CA ILE B 426 3.80 -2.56 -6.42
C ILE B 426 4.49 -1.77 -7.57
N GLY B 427 5.74 -1.34 -7.32
CA GLY B 427 6.54 -0.58 -8.27
C GLY B 427 5.84 0.74 -8.59
N ARG B 428 5.46 1.48 -7.55
CA ARG B 428 4.74 2.72 -7.72
C ARG B 428 5.15 3.74 -6.72
N VAL B 429 4.80 4.98 -7.01
CA VAL B 429 4.98 6.04 -6.04
C VAL B 429 3.61 6.35 -5.48
N VAL B 430 3.53 6.35 -4.16
CA VAL B 430 2.21 6.57 -3.48
C VAL B 430 2.14 7.85 -2.66
N VAL B 431 0.92 8.33 -2.47
CA VAL B 431 0.60 9.25 -1.41
C VAL B 431 -0.44 8.56 -0.55
N ASP B 432 -0.08 8.34 0.72
CA ASP B 432 -0.90 7.54 1.62
C ASP B 432 -1.27 8.44 2.80
N ARG B 433 -2.58 8.62 3.00
CA ARG B 433 -3.10 9.47 4.05
C ARG B 433 -3.64 8.68 5.22
N GLN B 434 -3.36 7.37 5.25
CA GLN B 434 -3.97 6.54 6.33
C GLN B 434 -3.83 7.11 7.76
N ALA B 435 -2.73 7.80 8.04
CA ALA B 435 -2.44 8.28 9.38
C ALA B 435 -2.91 9.73 9.60
N MET B 436 -3.56 10.35 8.61
CA MET B 436 -4.08 11.74 8.80
C MET B 436 -5.24 11.87 9.80
N ALA B 437 -5.24 12.94 10.61
CA ALA B 437 -6.30 13.11 11.61
C ALA B 437 -7.49 13.97 11.12
N ASN B 438 -7.34 14.61 9.96
CA ASN B 438 -8.45 15.41 9.37
C ASN B 438 -8.54 15.00 7.88
N GLY B 439 -9.75 15.03 7.34
CA GLY B 439 -9.97 14.81 5.90
C GLY B 439 -10.18 13.31 5.63
N ASP B 440 -10.64 12.97 4.44
CA ASP B 440 -10.73 11.54 4.10
C ASP B 440 -9.33 11.06 3.79
N ARG B 441 -9.15 9.74 3.87
CA ARG B 441 -7.80 9.19 3.87
C ARG B 441 -7.49 8.40 2.59
N GLY B 442 -7.09 7.14 2.73
CA GLY B 442 -6.84 6.26 1.58
C GLY B 442 -5.50 6.60 0.95
N TYR B 443 -5.13 5.89 -0.11
CA TYR B 443 -3.87 6.23 -0.82
C TYR B 443 -4.10 6.21 -2.33
N ARG B 444 -3.16 6.79 -3.05
CA ARG B 444 -3.19 6.81 -4.52
C ARG B 444 -1.81 6.35 -4.97
N ALA B 445 -1.73 5.61 -6.09
CA ALA B 445 -0.44 5.02 -6.55
C ALA B 445 -0.25 5.27 -8.02
N ALA B 446 0.83 6.00 -8.33
CA ALA B 446 1.15 6.39 -9.70
C ALA B 446 2.07 5.34 -10.30
N PRO B 447 1.80 4.92 -11.54
CA PRO B 447 2.55 3.82 -12.16
C PRO B 447 3.96 4.24 -12.50
N LEU B 448 4.86 3.27 -12.44
CA LEU B 448 6.22 3.44 -12.98
C LEU B 448 6.41 2.41 -14.09
N THR B 449 6.99 2.81 -15.22
CA THR B 449 7.13 1.83 -16.30
C THR B 449 8.25 0.82 -15.94
N ASP B 450 8.35 -0.27 -16.70
CA ASP B 450 9.41 -1.27 -16.53
C ASP B 450 10.79 -0.60 -16.63
N ALA B 451 10.98 0.30 -17.62
CA ALA B 451 12.24 1.06 -17.73
C ALA B 451 12.53 1.92 -16.52
N GLU B 452 11.51 2.59 -15.96
CA GLU B 452 11.72 3.40 -14.75
C GLU B 452 12.09 2.55 -13.56
N LEU B 453 11.52 1.36 -13.47
CA LEU B 453 11.80 0.51 -12.32
C LEU B 453 13.15 -0.15 -12.46
N ALA B 454 13.66 -0.26 -13.67
CA ALA B 454 15.00 -0.82 -13.87
C ALA B 454 16.07 0.26 -13.95
N SER B 455 15.64 1.52 -13.93
CA SER B 455 16.57 2.61 -13.79
C SER B 455 17.31 2.51 -12.43
N GLY B 456 18.55 2.97 -12.42
CA GLY B 456 19.20 3.10 -11.12
C GLY B 456 18.66 4.19 -10.22
N LYS B 457 17.78 5.07 -10.72
CA LYS B 457 17.39 6.27 -9.96
C LYS B 457 15.90 6.61 -10.03
N LEU B 458 15.42 7.26 -8.99
CA LEU B 458 14.04 7.74 -8.99
C LEU B 458 14.08 9.17 -8.45
N ASP B 459 13.54 10.08 -9.25
CA ASP B 459 13.41 11.48 -8.82
C ASP B 459 12.04 11.87 -8.30
N LEU B 460 12.04 12.58 -7.17
CA LEU B 460 10.84 13.10 -6.52
C LEU B 460 11.02 14.59 -6.29
N ARG B 461 9.99 15.38 -6.61
CA ARG B 461 10.07 16.80 -6.32
C ARG B 461 8.70 17.02 -5.69
N VAL B 462 8.71 17.33 -4.40
CA VAL B 462 7.54 17.34 -3.55
C VAL B 462 7.27 18.74 -3.00
N PHE B 463 6.09 19.27 -3.34
CA PHE B 463 5.70 20.61 -2.85
C PHE B 463 4.64 20.44 -1.74
N VAL B 464 5.01 20.84 -0.54
CA VAL B 464 4.09 20.89 0.62
C VAL B 464 3.60 22.33 0.78
N ASP B 465 2.27 22.52 0.81
CA ASP B 465 1.72 23.83 1.11
C ASP B 465 0.89 23.64 2.39
N ARG B 466 0.22 24.66 2.90
CA ARG B 466 -0.43 24.51 4.22
C ARG B 466 -1.50 23.44 4.27
N GLY B 467 -2.08 23.11 3.13
CA GLY B 467 -3.20 22.11 3.10
C GLY B 467 -3.05 21.07 2.01
N SER B 468 -1.83 20.98 1.45
CA SER B 468 -1.63 20.13 0.27
C SER B 468 -0.24 19.55 0.06
N VAL B 469 -0.21 18.49 -0.77
CA VAL B 469 1.04 18.01 -1.30
C VAL B 469 0.90 17.74 -2.81
N GLU B 470 1.96 18.00 -3.58
CA GLU B 470 2.04 17.63 -4.98
C GLU B 470 3.35 16.94 -5.14
N VAL B 471 3.31 15.77 -5.77
CA VAL B 471 4.48 14.98 -5.91
C VAL B 471 4.76 14.79 -7.40
N TYR B 472 5.87 15.33 -7.86
CA TYR B 472 6.26 15.23 -9.26
C TYR B 472 7.31 14.11 -9.37
N VAL B 473 6.95 13.04 -10.07
CA VAL B 473 7.78 11.86 -10.19
C VAL B 473 8.57 11.86 -11.50
N ASN B 474 9.89 11.64 -11.41
CA ASN B 474 10.75 11.57 -12.61
C ASN B 474 10.52 12.77 -13.57
N GLY B 475 10.60 13.96 -13.00
CA GLY B 475 10.47 15.23 -13.76
C GLY B 475 9.03 15.55 -14.20
N GLY B 476 8.05 15.05 -13.48
CA GLY B 476 6.65 15.19 -13.96
C GLY B 476 6.11 14.09 -14.87
N HIS B 477 6.82 12.96 -15.02
CA HIS B 477 6.27 11.89 -15.83
C HIS B 477 4.94 11.42 -15.21
N GLN B 478 4.88 11.40 -13.88
CA GLN B 478 3.59 11.28 -13.17
C GLN B 478 3.60 12.34 -12.10
N VAL B 479 2.41 12.75 -11.69
CA VAL B 479 2.24 13.70 -10.62
C VAL B 479 1.11 13.16 -9.73
N LEU B 480 1.22 13.37 -8.42
CA LEU B 480 0.09 13.10 -7.49
C LEU B 480 -0.18 14.36 -6.72
N SER B 481 -1.43 14.87 -6.77
CA SER B 481 -1.80 16.06 -6.03
C SER B 481 -2.89 15.65 -5.08
N SER B 482 -2.71 15.97 -3.79
CA SER B 482 -3.63 15.53 -2.75
C SER B 482 -3.72 16.55 -1.64
N TYR B 483 -4.94 16.80 -1.15
CA TYR B 483 -5.08 17.63 0.04
C TYR B 483 -4.51 16.85 1.20
N SER B 484 -3.92 17.57 2.14
CA SER B 484 -3.38 16.99 3.37
C SER B 484 -3.62 18.03 4.49
N TYR B 485 -4.62 17.79 5.31
CA TYR B 485 -5.10 18.75 6.29
C TYR B 485 -4.36 18.50 7.59
N ALA B 486 -3.16 19.08 7.70
CA ALA B 486 -2.30 18.95 8.84
C ALA B 486 -3.02 19.26 10.13
N SER B 487 -2.72 18.47 11.15
CA SER B 487 -3.16 18.73 12.55
C SER B 487 -2.42 19.96 13.09
N GLU B 488 -2.74 20.38 14.32
CA GLU B 488 -2.14 21.59 14.85
C GLU B 488 -0.69 21.31 15.29
N GLY B 489 0.01 22.40 15.58
CA GLY B 489 1.35 22.35 16.10
C GLY B 489 2.38 22.30 14.99
N PRO B 490 3.65 22.11 15.36
CA PRO B 490 4.70 22.02 14.38
C PRO B 490 4.52 20.82 13.46
N ARG B 491 4.83 21.02 12.17
CA ARG B 491 4.55 20.05 11.11
C ARG B 491 5.87 19.54 10.59
N ALA B 492 6.35 18.43 11.16
CA ALA B 492 7.65 17.88 10.71
C ALA B 492 7.64 17.27 9.31
N ILE B 493 8.85 17.16 8.76
CA ILE B 493 9.12 16.37 7.58
C ILE B 493 10.24 15.39 7.91
N LYS B 494 9.95 14.10 7.65
CA LYS B 494 10.88 13.04 8.01
C LYS B 494 11.22 12.28 6.73
N LEU B 495 12.50 11.91 6.57
CA LEU B 495 12.92 10.94 5.56
C LEU B 495 12.73 9.53 6.18
N VAL B 496 12.14 8.59 5.45
CA VAL B 496 11.74 7.29 6.02
C VAL B 496 12.26 6.17 5.15
N ALA B 497 12.84 5.14 5.78
CA ALA B 497 13.20 3.90 5.12
C ALA B 497 12.46 2.80 5.88
N GLU B 498 11.75 1.93 5.14
CA GLU B 498 11.15 0.76 5.77
C GLU B 498 11.75 -0.54 5.31
N SER B 499 12.22 -1.30 6.30
CA SER B 499 12.62 -2.67 6.15
C SER B 499 13.84 -2.90 5.23
N GLY B 500 14.75 -1.93 5.18
CA GLY B 500 15.93 -2.03 4.31
C GLY B 500 16.59 -0.67 4.29
N SER B 501 17.66 -0.55 3.51
CA SER B 501 18.41 0.72 3.45
C SER B 501 17.80 1.72 2.42
N LEU B 502 18.15 2.99 2.55
CA LEU B 502 17.72 4.04 1.60
C LEU B 502 18.94 4.88 1.34
N LYS B 503 19.36 4.92 0.07
CA LYS B 503 20.46 5.77 -0.33
C LYS B 503 19.82 6.90 -1.15
N VAL B 504 19.99 8.15 -0.71
CA VAL B 504 19.52 9.33 -1.43
C VAL B 504 20.72 10.08 -1.98
N ASP B 505 20.82 10.25 -3.31
CA ASP B 505 22.02 10.89 -3.89
C ASP B 505 22.06 12.39 -3.63
N SER B 506 20.88 13.01 -3.58
CA SER B 506 20.81 14.42 -3.37
C SER B 506 19.49 14.62 -2.70
N LEU B 507 19.49 15.46 -1.67
CA LEU B 507 18.29 15.84 -0.99
C LEU B 507 18.40 17.34 -0.67
N LYS B 508 17.42 18.13 -1.08
CA LYS B 508 17.50 19.58 -0.88
C LYS B 508 16.12 20.03 -0.45
N LEU B 509 16.06 20.98 0.49
CA LEU B 509 14.82 21.59 0.89
C LEU B 509 14.90 23.05 0.50
N HIS B 510 13.77 23.59 0.00
CA HIS B 510 13.68 25.04 -0.29
C HIS B 510 12.44 25.57 0.39
N HIS B 511 12.59 26.64 1.18
CA HIS B 511 11.40 27.34 1.64
C HIS B 511 10.74 28.08 0.48
N MET B 512 9.39 28.08 0.46
CA MET B 512 8.63 28.69 -0.63
C MET B 512 8.21 30.09 -0.24
N LYS B 513 8.33 31.00 -1.22
CA LYS B 513 7.79 32.40 -1.16
C LYS B 513 6.24 32.43 -1.23
N SER B 514 5.63 33.41 -0.59
CA SER B 514 4.23 33.71 -0.83
C SER B 514 4.06 34.24 -2.26
N ILE B 515 3.00 33.83 -2.95
CA ILE B 515 2.69 34.37 -4.32
C ILE B 515 1.80 35.63 -4.27
N GLY B 516 1.57 36.10 -3.06
CA GLY B 516 0.91 37.38 -2.78
C GLY B 516 -0.62 37.36 -2.80
N LEU B 517 -1.24 36.18 -2.74
CA LEU B 517 -2.69 36.05 -2.84
C LEU B 517 -3.38 35.76 -1.50
N GLU B 518 -2.56 35.51 -0.48
CA GLU B 518 -3.05 35.20 0.86
C GLU B 518 -3.24 36.47 1.68
N LEU B 519 -2.64 37.56 1.19
CA LEU B 519 -2.76 38.89 1.81
C LEU B 519 -4.23 39.16 2.19
N GLU B 520 -4.44 39.47 3.47
CA GLU B 520 -5.77 39.85 3.98
C GLU B 520 -5.65 40.82 5.18
N HIS B 521 -6.11 42.05 4.99
CA HIS B 521 -5.79 43.12 5.97
C HIS B 521 -6.42 42.96 7.36
N HIS B 522 -7.41 42.07 7.50
CA HIS B 522 -8.01 41.76 8.81
C HIS B 522 -7.21 40.72 9.60
N HIS B 523 -6.25 40.11 8.93
CA HIS B 523 -5.40 39.13 9.58
C HIS B 523 -4.11 39.84 10.02
N HIS B 524 -3.96 39.94 11.32
CA HIS B 524 -2.84 40.63 11.92
C HIS B 524 -1.90 39.59 12.45
N HIS B 525 -0.94 39.21 11.60
CA HIS B 525 0.31 38.70 12.08
C HIS B 525 0.80 39.83 12.95
N HIS B 526 0.90 39.54 14.24
CA HIS B 526 1.02 40.57 15.24
C HIS B 526 0.64 39.92 16.56
CL CL C . -6.29 -7.73 27.29
CL CL D . 1.53 -13.10 -4.37
CL CL E . 5.95 -0.64 25.05
CL CL F . -3.10 2.08 -13.14
CL CL G . 7.93 26.92 5.99
CL CL H . 11.87 23.42 10.31
#